data_4HH0
#
_entry.id   4HH0
#
_cell.length_a   70.260
_cell.length_b   70.260
_cell.length_c   382.100
_cell.angle_alpha   90.00
_cell.angle_beta   90.00
_cell.angle_gamma   120.00
#
_symmetry.space_group_name_H-M   'P 32 1 2'
#
loop_
_entity.id
_entity.type
_entity.pdbx_description
1 polymer 'AppA protein'
2 non-polymer 'FLAVIN MONONUCLEOTIDE'
3 non-polymer 'CHLORIDE ION'
4 water water
#
_entity_poly.entity_id   1
_entity_poly.type   'polypeptide(L)'
_entity_poly.pdbx_seq_one_letter_code
;AHDLEADVTMTGSDLVSCSYRSLAAPDLTLRDLLDIVETSQAHNARAQLTGALFYSQGVFFQWLEGRPAAVAEVMTHIQR
DRRHSNVEILAEEPIAKRRFAGWHMQLSCSEADMRSLGLAESRQIVTVGRSLVADNTNIFSFDRIAAVRRFLSDVCAART
LAPDTPVEADTFALYALTEAQAGRSGRAKAVARLSDLLSTDPLGRLTEVEELLRAHAPTAADFARLFEACAERLTRALAE
DRISRMQVTLAYSALQMALRRIHHLPDPQKSVGAVLVAGVPGHKPILEAALAAEMLRAVGWSTSVVHPESVAALAARLKT
SRTSTLVVAPSLLEGTEQEADTLRFVSALRARTDLPGLSILVGGRLAQLPPSKLKDSGADAGFAHLALLPAALARVASSA
HHHHHH
;
_entity_poly.pdbx_strand_id   A,B
#
loop_
_chem_comp.id
_chem_comp.type
_chem_comp.name
_chem_comp.formula
CL non-polymer 'CHLORIDE ION' 'Cl -1'
FMN non-polymer 'FLAVIN MONONUCLEOTIDE' 'C17 H21 N4 O9 P'
#
# COMPACT_ATOMS: atom_id res chain seq x y z
N SER A 13 -39.12 -13.76 5.50
CA SER A 13 -38.45 -12.85 6.42
C SER A 13 -38.36 -11.43 5.87
N ASP A 14 -37.40 -11.20 4.97
CA ASP A 14 -37.12 -9.88 4.42
C ASP A 14 -36.61 -8.87 5.46
N LEU A 15 -36.05 -9.41 6.54
CA LEU A 15 -35.39 -8.59 7.56
C LEU A 15 -33.90 -8.56 7.28
N VAL A 16 -33.28 -7.41 7.50
CA VAL A 16 -31.86 -7.25 7.22
C VAL A 16 -31.18 -6.67 8.45
N SER A 17 -29.89 -6.93 8.62
CA SER A 17 -29.14 -6.28 9.69
C SER A 17 -27.95 -5.51 9.13
N CYS A 18 -27.67 -4.37 9.74
CA CYS A 18 -26.49 -3.60 9.40
C CYS A 18 -25.76 -3.20 10.68
N SER A 19 -24.44 -3.39 10.69
CA SER A 19 -23.64 -3.02 11.85
C SER A 19 -22.36 -2.28 11.47
N TYR A 20 -21.97 -1.29 12.28
CA TYR A 20 -20.77 -0.52 11.97
C TYR A 20 -19.94 -0.19 13.21
N ARG A 21 -18.74 0.30 12.98
CA ARG A 21 -17.88 0.82 14.02
C ARG A 21 -17.56 2.26 13.68
N SER A 22 -17.60 3.15 14.66
CA SER A 22 -17.26 4.53 14.39
C SER A 22 -16.56 5.13 15.58
N LEU A 23 -15.95 6.28 15.35
CA LEU A 23 -15.15 6.97 16.35
C LEU A 23 -15.96 8.13 16.89
N ALA A 24 -16.36 8.05 18.16
CA ALA A 24 -17.16 9.10 18.76
C ALA A 24 -16.35 10.38 18.83
N ALA A 25 -17.03 11.51 18.66
CA ALA A 25 -16.41 12.82 18.79
C ALA A 25 -15.72 12.90 20.14
N PRO A 26 -14.48 13.40 20.16
CA PRO A 26 -13.66 13.44 21.38
C PRO A 26 -14.34 14.17 22.52
N ASP A 27 -15.26 15.06 22.17
CA ASP A 27 -15.94 15.91 23.15
C ASP A 27 -17.35 15.42 23.47
N LEU A 28 -17.60 14.15 23.18
CA LEU A 28 -18.93 13.56 23.39
C LEU A 28 -19.30 13.56 24.86
N THR A 29 -20.57 13.82 25.15
CA THR A 29 -21.06 13.88 26.52
C THR A 29 -22.23 12.94 26.74
N LEU A 30 -22.71 12.88 27.97
CA LEU A 30 -23.87 12.07 28.31
C LEU A 30 -25.12 12.63 27.63
N ARG A 31 -25.21 13.95 27.58
CA ARG A 31 -26.33 14.62 26.91
C ARG A 31 -26.43 14.19 25.44
N ASP A 32 -25.29 14.04 24.79
CA ASP A 32 -25.24 13.60 23.40
C ASP A 32 -25.78 12.19 23.28
N LEU A 33 -25.20 11.28 24.03
CA LEU A 33 -25.60 9.87 24.01
C LEU A 33 -27.10 9.76 24.22
N LEU A 34 -27.60 10.44 25.25
CA LEU A 34 -29.01 10.41 25.55
C LEU A 34 -29.89 10.99 24.43
N ASP A 35 -29.45 12.09 23.83
CA ASP A 35 -30.15 12.66 22.68
C ASP A 35 -30.24 11.66 21.53
N ILE A 36 -29.12 11.00 21.26
CA ILE A 36 -29.05 9.96 20.25
C ILE A 36 -30.05 8.85 20.55
N VAL A 37 -30.04 8.39 21.80
CA VAL A 37 -30.92 7.33 22.22
C VAL A 37 -32.40 7.71 22.10
N GLU A 38 -32.74 8.95 22.42
CA GLU A 38 -34.14 9.35 22.37
C GLU A 38 -34.63 9.51 20.93
N THR A 39 -33.83 10.20 20.13
CA THR A 39 -34.12 10.37 18.71
C THR A 39 -34.31 9.01 18.04
N SER A 40 -33.38 8.11 18.36
CA SER A 40 -33.37 6.79 17.75
C SER A 40 -34.52 5.94 18.25
N GLN A 41 -34.88 6.08 19.51
CA GLN A 41 -35.95 5.26 20.04
C GLN A 41 -37.25 5.66 19.36
N ALA A 42 -37.49 6.96 19.27
CA ALA A 42 -38.69 7.45 18.62
C ALA A 42 -38.76 7.00 17.16
N HIS A 43 -37.72 7.35 16.41
CA HIS A 43 -37.71 7.02 15.00
C HIS A 43 -37.75 5.50 14.71
N ASN A 44 -36.83 4.75 15.31
CA ASN A 44 -36.83 3.28 15.16
C ASN A 44 -38.18 2.67 15.52
N ALA A 45 -38.81 3.20 16.55
CA ALA A 45 -40.15 2.74 16.91
C ALA A 45 -41.11 2.94 15.74
N ARG A 46 -41.17 4.14 15.17
CA ARG A 46 -42.07 4.32 14.02
C ARG A 46 -41.70 3.46 12.80
N ALA A 47 -40.42 3.42 12.47
CA ALA A 47 -39.95 2.81 11.23
C ALA A 47 -39.70 1.30 11.36
N GLN A 48 -39.99 0.76 12.53
CA GLN A 48 -39.84 -0.67 12.83
C GLN A 48 -38.39 -1.13 12.68
N LEU A 49 -37.51 -0.43 13.40
CA LEU A 49 -36.10 -0.78 13.47
C LEU A 49 -35.81 -1.15 14.90
N THR A 50 -34.86 -2.05 15.09
CA THR A 50 -34.40 -2.43 16.41
C THR A 50 -32.90 -2.51 16.41
N GLY A 51 -32.32 -2.49 17.60
CA GLY A 51 -30.89 -2.65 17.72
C GLY A 51 -30.32 -2.16 19.03
N ALA A 52 -29.01 -1.96 19.04
CA ALA A 52 -28.31 -1.63 20.26
C ALA A 52 -27.15 -0.74 19.89
N LEU A 53 -26.78 0.14 20.81
CA LEU A 53 -25.63 1.01 20.57
C LEU A 53 -24.65 0.80 21.70
N PHE A 54 -23.41 0.47 21.36
CA PHE A 54 -22.41 0.23 22.38
C PHE A 54 -21.29 1.27 22.32
N TYR A 55 -21.08 1.95 23.43
CA TYR A 55 -20.03 2.97 23.52
C TYR A 55 -18.96 2.56 24.53
N SER A 56 -17.73 2.43 24.05
CA SER A 56 -16.61 2.13 24.94
C SER A 56 -15.34 2.81 24.46
N GLN A 57 -14.75 3.62 25.34
CA GLN A 57 -13.50 4.32 25.06
C GLN A 57 -13.51 5.07 23.72
N GLY A 58 -14.47 5.97 23.56
CA GLY A 58 -14.54 6.80 22.38
C GLY A 58 -14.97 6.08 21.12
N VAL A 59 -15.28 4.78 21.23
CA VAL A 59 -15.69 4.00 20.06
C VAL A 59 -17.15 3.57 20.14
N PHE A 60 -17.83 3.58 19.00
CA PHE A 60 -19.20 3.11 18.91
C PHE A 60 -19.26 1.79 18.15
N PHE A 61 -20.06 0.86 18.67
CA PHE A 61 -20.55 -0.26 17.88
C PHE A 61 -22.06 -0.11 17.81
N GLN A 62 -22.63 -0.24 16.63
CA GLN A 62 -24.09 -0.23 16.53
C GLN A 62 -24.59 -1.38 15.67
N TRP A 63 -25.73 -1.95 16.07
CA TRP A 63 -26.43 -2.94 15.28
C TRP A 63 -27.84 -2.43 14.99
N LEU A 64 -28.23 -2.49 13.72
CA LEU A 64 -29.54 -2.00 13.30
C LEU A 64 -30.20 -3.06 12.43
N GLU A 65 -31.49 -3.28 12.63
CA GLU A 65 -32.19 -4.33 11.89
C GLU A 65 -33.64 -3.96 11.61
N GLY A 66 -34.16 -4.41 10.47
CA GLY A 66 -35.51 -4.13 10.05
C GLY A 66 -35.66 -4.41 8.56
N ARG A 67 -36.68 -3.85 7.93
CA ARG A 67 -36.77 -3.91 6.47
C ARG A 67 -35.61 -3.15 5.85
N PRO A 68 -35.15 -3.58 4.67
CA PRO A 68 -34.03 -2.95 3.95
C PRO A 68 -34.16 -1.43 3.86
N ALA A 69 -35.29 -0.94 3.35
CA ALA A 69 -35.49 0.50 3.17
C ALA A 69 -35.29 1.31 4.45
N ALA A 70 -35.91 0.88 5.54
CA ALA A 70 -35.76 1.56 6.84
C ALA A 70 -34.30 1.68 7.28
N VAL A 71 -33.58 0.57 7.19
CA VAL A 71 -32.16 0.52 7.57
C VAL A 71 -31.34 1.45 6.70
N ALA A 72 -31.61 1.44 5.40
CA ALA A 72 -30.87 2.29 4.47
C ALA A 72 -31.10 3.78 4.74
N GLU A 73 -32.35 4.17 4.99
CA GLU A 73 -32.67 5.57 5.28
C GLU A 73 -31.95 6.03 6.55
N VAL A 74 -32.15 5.26 7.61
CA VAL A 74 -31.54 5.64 8.88
C VAL A 74 -30.01 5.70 8.77
N MET A 75 -29.41 4.78 8.00
CA MET A 75 -27.97 4.80 7.80
C MET A 75 -27.52 6.02 7.02
N THR A 76 -28.37 6.48 6.10
CA THR A 76 -28.09 7.70 5.37
C THR A 76 -27.97 8.85 6.36
N HIS A 77 -28.86 8.90 7.34
CA HIS A 77 -28.74 9.96 8.34
C HIS A 77 -27.51 9.78 9.25
N ILE A 78 -27.34 8.58 9.77
CA ILE A 78 -26.25 8.27 10.71
C ILE A 78 -24.87 8.55 10.14
N GLN A 79 -24.66 8.12 8.90
CA GLN A 79 -23.38 8.31 8.22
C GLN A 79 -22.98 9.79 8.15
N ARG A 80 -23.99 10.66 8.06
CA ARG A 80 -23.76 12.08 7.96
C ARG A 80 -23.69 12.79 9.32
N ASP A 81 -23.86 12.03 10.39
CA ASP A 81 -23.85 12.62 11.73
C ASP A 81 -22.46 13.15 12.06
N ARG A 82 -22.41 14.15 12.93
CA ARG A 82 -21.16 14.84 13.21
C ARG A 82 -20.70 14.59 14.65
N ARG A 83 -21.36 13.65 15.31
CA ARG A 83 -20.99 13.27 16.66
C ARG A 83 -20.14 12.02 16.62
N HIS A 84 -19.86 11.56 15.41
CA HIS A 84 -18.93 10.46 15.22
C HIS A 84 -18.35 10.54 13.82
N SER A 85 -17.31 9.76 13.57
CA SER A 85 -16.66 9.74 12.27
C SER A 85 -16.01 8.38 12.05
N ASN A 86 -15.37 8.23 10.89
CA ASN A 86 -14.79 6.96 10.47
C ASN A 86 -15.77 5.80 10.63
N VAL A 87 -17.01 6.05 10.23
CA VAL A 87 -18.01 5.01 10.17
C VAL A 87 -17.57 3.92 9.22
N GLU A 88 -17.33 2.74 9.76
CA GLU A 88 -16.95 1.58 8.95
C GLU A 88 -18.01 0.48 9.07
N ILE A 89 -18.69 0.21 7.96
CA ILE A 89 -19.62 -0.89 7.89
C ILE A 89 -18.90 -2.17 8.21
N LEU A 90 -19.49 -2.98 9.09
CA LEU A 90 -18.90 -4.26 9.46
C LEU A 90 -19.69 -5.40 8.83
N ALA A 91 -21.01 -5.30 8.89
CA ALA A 91 -21.85 -6.30 8.26
C ALA A 91 -23.11 -5.70 7.65
N GLU A 92 -23.50 -6.23 6.51
CA GLU A 92 -24.80 -5.97 5.92
C GLU A 92 -25.30 -7.34 5.51
N GLU A 93 -26.10 -7.94 6.37
CA GLU A 93 -26.52 -9.33 6.21
C GLU A 93 -28.03 -9.43 6.34
N PRO A 94 -28.65 -10.39 5.63
CA PRO A 94 -30.04 -10.75 5.88
C PRO A 94 -30.11 -11.57 7.14
N ILE A 95 -31.10 -11.33 7.99
CA ILE A 95 -31.29 -12.15 9.19
C ILE A 95 -32.62 -12.88 9.10
N ALA A 96 -32.75 -13.98 9.86
CA ALA A 96 -33.98 -14.76 9.84
C ALA A 96 -34.98 -14.20 10.82
N LYS A 97 -34.47 -13.74 11.97
CA LYS A 97 -35.29 -13.03 12.92
C LYS A 97 -34.46 -11.98 13.61
N ARG A 98 -35.12 -11.01 14.24
CA ARG A 98 -34.40 -9.93 14.91
C ARG A 98 -33.58 -10.47 16.09
N ARG A 99 -32.40 -9.87 16.27
CA ARG A 99 -31.57 -10.19 17.42
C ARG A 99 -31.88 -9.27 18.60
N PHE A 100 -32.62 -8.18 18.35
CA PHE A 100 -32.88 -7.19 19.39
C PHE A 100 -34.34 -6.78 19.45
N ALA A 101 -35.24 -7.74 19.31
CA ALA A 101 -36.68 -7.47 19.35
C ALA A 101 -37.06 -6.76 20.64
N GLY A 102 -37.93 -5.77 20.54
CA GLY A 102 -38.32 -4.99 21.71
C GLY A 102 -37.37 -3.84 22.02
N TRP A 103 -36.14 -3.92 21.50
CA TRP A 103 -35.17 -2.83 21.66
C TRP A 103 -35.13 -1.93 20.44
N HIS A 104 -35.89 -0.84 20.47
CA HIS A 104 -35.89 0.11 19.37
C HIS A 104 -34.49 0.67 19.18
N MET A 105 -33.89 1.13 20.27
CA MET A 105 -32.47 1.44 20.29
C MET A 105 -31.98 1.53 21.72
N GLN A 106 -31.33 0.47 22.17
CA GLN A 106 -30.88 0.38 23.55
C GLN A 106 -29.44 0.83 23.67
N LEU A 107 -29.17 1.66 24.67
CA LEU A 107 -27.81 2.12 24.92
C LEU A 107 -27.07 1.15 25.82
N SER A 108 -25.77 1.04 25.61
CA SER A 108 -24.93 0.24 26.48
C SER A 108 -23.49 0.73 26.40
N CYS A 109 -22.77 0.60 27.50
CA CYS A 109 -21.38 1.01 27.55
C CYS A 109 -20.60 0.05 28.44
N SER A 110 -19.28 0.16 28.44
CA SER A 110 -18.44 -0.68 29.27
C SER A 110 -18.55 -0.25 30.73
N GLU A 111 -18.03 -1.08 31.64
CA GLU A 111 -18.08 -0.80 33.06
C GLU A 111 -17.26 0.45 33.38
N ALA A 112 -16.08 0.52 32.77
CA ALA A 112 -15.17 1.64 32.95
C ALA A 112 -15.82 2.95 32.52
N ASP A 113 -16.44 2.95 31.34
CA ASP A 113 -17.13 4.15 30.85
C ASP A 113 -18.32 4.51 31.74
N MET A 114 -18.95 3.49 32.31
CA MET A 114 -20.04 3.71 33.25
C MET A 114 -19.52 4.52 34.43
N ARG A 115 -18.34 4.14 34.92
CA ARG A 115 -17.68 4.91 35.97
C ARG A 115 -17.38 6.33 35.52
N SER A 116 -16.82 6.46 34.31
CA SER A 116 -16.38 7.75 33.76
C SER A 116 -17.51 8.74 33.47
N LEU A 117 -18.73 8.23 33.32
CA LEU A 117 -19.87 9.09 33.00
C LEU A 117 -20.76 9.33 34.21
N GLY A 118 -20.48 8.66 35.31
CA GLY A 118 -21.22 8.85 36.55
C GLY A 118 -22.52 8.06 36.61
N LEU A 119 -22.47 6.83 36.12
CA LEU A 119 -23.65 5.98 36.08
C LEU A 119 -23.36 4.58 36.63
N SER A 122 -27.73 1.08 37.80
CA SER A 122 -27.84 2.40 37.16
C SER A 122 -28.50 2.29 35.79
N ARG A 123 -29.30 1.25 35.62
CA ARG A 123 -30.09 1.02 34.41
C ARG A 123 -31.03 2.22 34.14
N GLN A 124 -31.58 2.36 32.93
CA GLN A 124 -31.43 1.40 31.84
C GLN A 124 -30.32 1.72 30.86
N ILE A 125 -29.11 1.32 31.25
CA ILE A 125 -27.98 1.24 30.34
C ILE A 125 -27.28 -0.06 30.65
N VAL A 126 -27.26 -0.95 29.67
CA VAL A 126 -26.66 -2.26 29.84
C VAL A 126 -25.15 -2.15 29.99
N THR A 127 -24.63 -2.63 31.11
CA THR A 127 -23.20 -2.54 31.39
C THR A 127 -22.47 -3.78 30.90
N VAL A 128 -21.33 -3.57 30.25
CA VAL A 128 -20.52 -4.67 29.76
C VAL A 128 -19.18 -4.66 30.48
N GLY A 129 -18.91 -5.73 31.25
CA GLY A 129 -17.68 -5.84 32.00
C GLY A 129 -16.52 -6.38 31.18
N ARG A 130 -15.67 -5.47 30.71
CA ARG A 130 -14.51 -5.85 29.89
C ARG A 130 -13.30 -6.12 30.77
N SER A 131 -13.42 -5.78 32.04
CA SER A 131 -12.34 -5.90 33.03
C SER A 131 -11.45 -7.14 32.91
N LEU A 132 -12.07 -8.30 32.74
CA LEU A 132 -11.35 -9.58 32.79
C LEU A 132 -10.69 -9.98 31.47
N VAL A 133 -11.08 -9.36 30.37
CA VAL A 133 -10.58 -9.80 29.07
C VAL A 133 -9.93 -8.71 28.22
N ALA A 134 -10.00 -7.46 28.70
CA ALA A 134 -9.55 -6.31 27.90
C ALA A 134 -8.08 -6.40 27.51
N ASP A 135 -7.26 -6.89 28.43
CA ASP A 135 -5.83 -7.01 28.20
C ASP A 135 -5.39 -8.43 27.80
N ASN A 136 -6.31 -9.21 27.25
CA ASN A 136 -5.98 -10.54 26.75
C ASN A 136 -5.68 -10.44 25.27
N THR A 137 -4.43 -10.66 24.91
CA THR A 137 -3.97 -10.43 23.53
C THR A 137 -4.42 -11.50 22.55
N ASN A 138 -5.00 -12.57 23.04
CA ASN A 138 -5.49 -13.65 22.17
C ASN A 138 -6.88 -13.38 21.62
N ILE A 139 -7.47 -12.27 22.08
CA ILE A 139 -8.79 -11.88 21.65
C ILE A 139 -8.73 -10.80 20.58
N PHE A 140 -9.10 -11.18 19.36
CA PHE A 140 -9.04 -10.30 18.20
C PHE A 140 -10.22 -9.34 18.12
N SER A 141 -10.07 -8.28 17.34
CA SER A 141 -11.07 -7.21 17.25
C SER A 141 -12.48 -7.70 16.90
N PHE A 142 -12.58 -8.56 15.91
CA PHE A 142 -13.88 -9.10 15.53
C PHE A 142 -14.45 -10.03 16.60
N ASP A 143 -13.58 -10.69 17.37
CA ASP A 143 -14.02 -11.47 18.52
C ASP A 143 -14.76 -10.56 19.50
N ARG A 144 -14.19 -9.40 19.78
CA ARG A 144 -14.79 -8.46 20.73
C ARG A 144 -16.13 -7.97 20.18
N ILE A 145 -16.17 -7.62 18.89
CA ILE A 145 -17.42 -7.17 18.29
C ILE A 145 -18.55 -8.22 18.38
N ALA A 146 -18.23 -9.45 17.98
CA ALA A 146 -19.21 -10.54 17.99
C ALA A 146 -19.66 -10.84 19.42
N ALA A 147 -18.72 -10.77 20.35
CA ALA A 147 -19.00 -11.04 21.75
C ALA A 147 -19.97 -10.04 22.32
N VAL A 148 -19.72 -8.75 22.04
CA VAL A 148 -20.64 -7.69 22.45
C VAL A 148 -22.02 -7.90 21.84
N ARG A 149 -22.07 -8.18 20.53
CA ARG A 149 -23.35 -8.48 19.91
C ARG A 149 -24.13 -9.59 20.63
N ARG A 150 -23.51 -10.77 20.77
CA ARG A 150 -24.18 -11.91 21.38
C ARG A 150 -24.62 -11.61 22.81
N PHE A 151 -23.73 -10.95 23.55
CA PHE A 151 -24.02 -10.55 24.91
C PHE A 151 -25.24 -9.67 25.01
N LEU A 152 -25.29 -8.61 24.20
CA LEU A 152 -26.38 -7.66 24.26
C LEU A 152 -27.69 -8.28 23.80
N SER A 153 -27.65 -9.04 22.71
CA SER A 153 -28.83 -9.73 22.22
C SER A 153 -29.41 -10.62 23.32
N ASP A 154 -28.50 -11.29 24.03
CA ASP A 154 -28.91 -12.15 25.13
C ASP A 154 -29.52 -11.36 26.28
N VAL A 155 -28.89 -10.26 26.67
CA VAL A 155 -29.44 -9.41 27.72
C VAL A 155 -30.85 -8.94 27.33
N CYS A 156 -31.04 -8.62 26.05
CA CYS A 156 -32.33 -8.18 25.52
C CYS A 156 -33.39 -9.28 25.70
N ALA A 157 -33.05 -10.50 25.29
CA ALA A 157 -33.94 -11.64 25.52
C ALA A 157 -34.27 -11.81 27.02
N ALA A 158 -33.22 -11.87 27.83
CA ALA A 158 -33.33 -12.04 29.27
C ALA A 158 -34.26 -11.03 29.93
N ARG A 159 -34.02 -9.75 29.65
CA ARG A 159 -34.77 -8.68 30.29
C ARG A 159 -36.17 -8.58 29.71
N THR A 160 -36.35 -9.09 28.51
CA THR A 160 -37.70 -9.27 28.00
C THR A 160 -38.43 -10.33 28.83
N LEU A 161 -37.71 -11.38 29.23
CA LEU A 161 -38.31 -12.43 30.06
C LEU A 161 -38.42 -12.01 31.52
N ALA A 162 -37.34 -11.48 32.07
CA ALA A 162 -37.29 -11.10 33.48
C ALA A 162 -36.60 -9.76 33.64
N PRO A 163 -37.38 -8.66 33.59
CA PRO A 163 -36.86 -7.29 33.60
C PRO A 163 -36.15 -6.97 34.90
N ASP A 164 -36.76 -7.35 36.01
CA ASP A 164 -36.22 -7.04 37.32
C ASP A 164 -35.16 -8.06 37.77
N THR A 165 -34.64 -8.83 36.83
CA THR A 165 -33.56 -9.77 37.14
C THR A 165 -32.26 -9.31 36.52
N PRO A 166 -31.34 -8.84 37.37
CA PRO A 166 -30.10 -8.16 37.00
C PRO A 166 -29.08 -9.11 36.37
N VAL A 167 -28.28 -8.58 35.45
CA VAL A 167 -27.26 -9.38 34.77
C VAL A 167 -25.84 -8.97 35.19
N GLU A 168 -25.03 -9.96 35.56
CA GLU A 168 -23.65 -9.72 35.94
C GLU A 168 -22.82 -9.20 34.77
N ALA A 169 -22.16 -8.06 34.97
CA ALA A 169 -21.38 -7.43 33.90
C ALA A 169 -20.30 -8.35 33.36
N ASP A 170 -19.58 -9.01 34.26
CA ASP A 170 -18.45 -9.84 33.88
C ASP A 170 -18.87 -11.12 33.16
N THR A 171 -20.17 -11.26 32.93
CA THR A 171 -20.71 -12.30 32.07
C THR A 171 -20.10 -12.20 30.68
N PHE A 172 -19.81 -10.97 30.25
CA PHE A 172 -19.28 -10.72 28.93
C PHE A 172 -17.96 -11.45 28.69
N ALA A 173 -17.20 -11.61 29.78
CA ALA A 173 -15.87 -12.21 29.70
C ALA A 173 -15.90 -13.56 28.99
N LEU A 174 -16.86 -14.39 29.38
CA LEU A 174 -17.02 -15.73 28.84
C LEU A 174 -17.39 -15.68 27.37
N TYR A 175 -18.23 -14.73 26.99
CA TYR A 175 -18.61 -14.51 25.60
C TYR A 175 -17.38 -14.21 24.75
N ALA A 176 -16.56 -13.26 25.22
CA ALA A 176 -15.34 -12.88 24.51
C ALA A 176 -14.37 -14.04 24.38
N LEU A 177 -14.11 -14.71 25.51
CA LEU A 177 -13.17 -15.81 25.52
C LEU A 177 -13.62 -16.93 24.58
N THR A 178 -14.92 -17.18 24.53
CA THR A 178 -15.46 -18.25 23.70
C THR A 178 -15.28 -17.91 22.22
N GLU A 179 -15.56 -16.66 21.88
CA GLU A 179 -15.37 -16.20 20.51
C GLU A 179 -13.90 -16.37 20.07
N ALA A 180 -13.00 -15.87 20.90
CA ALA A 180 -11.58 -15.97 20.60
C ALA A 180 -11.15 -17.43 20.43
N GLN A 181 -11.56 -18.28 21.36
CA GLN A 181 -11.19 -19.69 21.27
C GLN A 181 -11.71 -20.30 19.98
N ALA A 182 -12.88 -19.85 19.54
CA ALA A 182 -13.38 -20.33 18.26
C ALA A 182 -12.43 -19.96 17.13
N GLY A 183 -11.83 -18.76 17.18
CA GLY A 183 -10.90 -18.37 16.13
C GLY A 183 -9.47 -18.91 16.21
N ARG A 184 -9.13 -19.50 17.36
CA ARG A 184 -7.74 -19.82 17.68
C ARG A 184 -6.98 -20.74 16.72
N SER A 185 -7.56 -21.88 16.38
CA SER A 185 -6.90 -22.86 15.52
C SER A 185 -6.55 -22.30 14.13
N GLY A 186 -7.54 -21.67 13.52
CA GLY A 186 -7.36 -21.04 12.22
C GLY A 186 -6.25 -20.03 12.29
N ARG A 187 -6.25 -19.22 13.35
CA ARG A 187 -5.16 -18.25 13.48
C ARG A 187 -3.78 -18.91 13.63
N ALA A 188 -3.73 -20.05 14.33
CA ALA A 188 -2.49 -20.79 14.46
C ALA A 188 -1.96 -21.24 13.10
N LYS A 189 -2.88 -21.71 12.25
CA LYS A 189 -2.54 -22.07 10.89
C LYS A 189 -1.98 -20.86 10.12
N ALA A 190 -2.67 -19.72 10.26
CA ALA A 190 -2.26 -18.52 9.56
C ALA A 190 -0.86 -18.08 9.96
N VAL A 191 -0.60 -18.09 11.26
CA VAL A 191 0.70 -17.68 11.76
C VAL A 191 1.79 -18.64 11.29
N ALA A 192 1.47 -19.94 11.28
CA ALA A 192 2.45 -20.92 10.82
C ALA A 192 2.82 -20.69 9.35
N ARG A 193 1.78 -20.58 8.52
CA ARG A 193 1.98 -20.36 7.09
C ARG A 193 2.77 -19.07 6.86
N LEU A 194 2.37 -18.03 7.57
CA LEU A 194 3.03 -16.74 7.50
C LEU A 194 4.50 -16.85 7.83
N SER A 195 4.81 -17.45 8.97
CA SER A 195 6.18 -17.60 9.43
C SER A 195 7.01 -18.34 8.40
N ASP A 196 6.40 -19.33 7.76
CA ASP A 196 7.09 -20.00 6.66
C ASP A 196 7.43 -19.03 5.52
N LEU A 197 6.42 -18.29 5.05
CA LEU A 197 6.63 -17.31 4.01
C LEU A 197 7.76 -16.31 4.37
N LEU A 198 7.64 -15.69 5.53
CA LEU A 198 8.63 -14.75 6.02
C LEU A 198 10.01 -15.39 6.16
N SER A 199 10.06 -16.70 6.35
CA SER A 199 11.33 -17.41 6.52
C SER A 199 11.98 -17.78 5.19
N THR A 200 11.17 -17.92 4.15
CA THR A 200 11.69 -18.38 2.86
C THR A 200 12.03 -17.23 1.92
N ASP A 201 11.00 -16.70 1.25
CA ASP A 201 11.15 -15.51 0.44
C ASP A 201 9.90 -14.63 0.56
N PRO A 202 9.89 -13.76 1.57
CA PRO A 202 8.76 -12.89 1.88
C PRO A 202 8.56 -11.78 0.85
N LEU A 203 9.60 -11.39 0.13
CA LEU A 203 9.46 -10.34 -0.89
C LEU A 203 9.07 -10.91 -2.25
N GLY A 204 9.43 -12.17 -2.49
CA GLY A 204 9.01 -12.84 -3.70
C GLY A 204 7.57 -13.30 -3.64
N ARG A 205 7.01 -13.33 -2.44
CA ARG A 205 5.64 -13.81 -2.27
C ARG A 205 4.82 -12.82 -1.44
N LEU A 206 5.13 -11.55 -1.62
CA LEU A 206 4.51 -10.47 -0.89
C LEU A 206 2.99 -10.47 -1.03
N THR A 207 2.49 -10.78 -2.23
CA THR A 207 1.06 -10.82 -2.44
C THR A 207 0.38 -11.87 -1.56
N GLU A 208 1.03 -13.01 -1.38
CA GLU A 208 0.46 -14.05 -0.51
C GLU A 208 0.48 -13.61 0.95
N VAL A 209 1.60 -13.02 1.37
CA VAL A 209 1.71 -12.44 2.71
C VAL A 209 0.57 -11.47 2.95
N GLU A 210 0.33 -10.59 2.00
CA GLU A 210 -0.72 -9.59 2.10
C GLU A 210 -2.10 -10.22 2.18
N GLU A 211 -2.39 -11.19 1.32
CA GLU A 211 -3.72 -11.82 1.35
C GLU A 211 -3.98 -12.49 2.71
N LEU A 212 -2.97 -13.16 3.23
CA LEU A 212 -3.04 -13.76 4.55
C LEU A 212 -3.34 -12.70 5.62
N LEU A 213 -2.48 -11.68 5.68
CA LEU A 213 -2.64 -10.60 6.66
C LEU A 213 -4.00 -9.93 6.55
N ARG A 214 -4.48 -9.81 5.33
CA ARG A 214 -5.73 -9.12 5.05
C ARG A 214 -6.90 -9.97 5.52
N ALA A 215 -6.76 -11.29 5.43
CA ALA A 215 -7.81 -12.22 5.86
C ALA A 215 -7.86 -12.40 7.38
N HIS A 216 -6.70 -12.39 8.04
CA HIS A 216 -6.67 -12.69 9.47
C HIS A 216 -6.43 -11.49 10.37
N ALA A 217 -6.11 -10.35 9.77
CA ALA A 217 -5.90 -9.15 10.58
C ALA A 217 -6.68 -7.97 10.02
N PRO A 218 -7.98 -7.93 10.31
CA PRO A 218 -8.86 -6.84 9.85
C PRO A 218 -8.46 -5.47 10.40
N THR A 219 -7.89 -5.42 11.60
CA THR A 219 -7.50 -4.15 12.18
C THR A 219 -5.99 -4.09 12.38
N ALA A 220 -5.48 -2.92 12.75
CA ALA A 220 -4.05 -2.78 12.97
C ALA A 220 -3.61 -3.56 14.19
N ALA A 221 -4.41 -3.52 15.25
CA ALA A 221 -4.10 -4.31 16.44
C ALA A 221 -4.02 -5.81 16.14
N ASP A 222 -4.86 -6.29 15.22
CA ASP A 222 -4.80 -7.68 14.79
C ASP A 222 -3.48 -7.96 14.06
N PHE A 223 -3.08 -7.01 13.22
CA PHE A 223 -1.80 -7.10 12.54
C PHE A 223 -0.70 -7.23 13.58
N ALA A 224 -0.76 -6.41 14.63
CA ALA A 224 0.23 -6.45 15.68
C ALA A 224 0.25 -7.80 16.40
N ARG A 225 -0.93 -8.39 16.62
CA ARG A 225 -0.99 -9.70 17.27
C ARG A 225 -0.26 -10.74 16.43
N LEU A 226 -0.60 -10.79 15.15
CA LEU A 226 0.05 -11.72 14.23
C LEU A 226 1.55 -11.49 14.19
N PHE A 227 1.96 -10.24 14.17
CA PHE A 227 3.38 -9.92 14.12
C PHE A 227 4.09 -10.35 15.39
N GLU A 228 3.48 -10.19 16.55
CA GLU A 228 4.08 -10.67 17.79
C GLU A 228 4.32 -12.18 17.73
N ALA A 229 3.28 -12.91 17.33
CA ALA A 229 3.37 -14.38 17.20
C ALA A 229 4.52 -14.80 16.26
N CYS A 230 4.48 -14.26 15.04
CA CYS A 230 5.53 -14.50 14.06
C CYS A 230 6.89 -14.12 14.59
N ALA A 231 6.93 -13.04 15.35
CA ALA A 231 8.20 -12.47 15.82
C ALA A 231 8.86 -13.43 16.78
N GLU A 232 8.11 -14.00 17.71
CA GLU A 232 8.77 -14.98 18.58
C GLU A 232 9.14 -16.25 17.82
N ARG A 233 8.29 -16.64 16.87
CA ARG A 233 8.65 -17.77 16.00
C ARG A 233 10.00 -17.58 15.29
N LEU A 234 10.17 -16.43 14.64
CA LEU A 234 11.38 -16.11 13.88
C LEU A 234 12.58 -15.82 14.75
N THR A 235 12.34 -15.25 15.93
CA THR A 235 13.41 -15.08 16.91
C THR A 235 13.97 -16.44 17.30
N ARG A 236 13.06 -17.39 17.53
CA ARG A 236 13.45 -18.77 17.81
C ARG A 236 14.27 -19.32 16.65
N ALA A 237 13.74 -19.17 15.44
CA ALA A 237 14.39 -19.70 14.24
C ALA A 237 15.82 -19.16 14.07
N LEU A 238 15.97 -17.86 14.30
CA LEU A 238 17.25 -17.19 14.16
C LEU A 238 18.19 -17.66 15.26
N ALA A 239 17.65 -17.86 16.45
CA ALA A 239 18.43 -18.36 17.57
C ALA A 239 19.01 -19.73 17.25
N GLU A 240 18.14 -20.62 16.75
CA GLU A 240 18.55 -21.97 16.37
C GLU A 240 19.31 -22.00 15.04
N ASP A 241 19.75 -20.83 14.57
CA ASP A 241 20.46 -20.71 13.29
C ASP A 241 19.72 -21.34 12.10
N ARG A 242 18.39 -21.33 12.15
CA ARG A 242 17.60 -21.91 11.06
C ARG A 242 17.35 -20.90 9.93
N ILE A 243 17.47 -19.60 10.25
CA ILE A 243 17.48 -18.56 9.23
C ILE A 243 18.56 -17.53 9.57
N SER A 244 18.88 -16.68 8.60
CA SER A 244 19.92 -15.67 8.78
C SER A 244 19.34 -14.32 9.19
N ARG A 245 20.20 -13.43 9.68
CA ARG A 245 19.80 -12.07 10.01
C ARG A 245 19.24 -11.34 8.77
N MET A 246 19.88 -11.58 7.63
CA MET A 246 19.45 -11.01 6.36
C MET A 246 18.01 -11.40 6.09
N GLN A 247 17.69 -12.65 6.40
CA GLN A 247 16.34 -13.16 6.22
C GLN A 247 15.33 -12.39 7.06
N VAL A 248 15.73 -12.05 8.29
CA VAL A 248 14.85 -11.32 9.19
C VAL A 248 14.63 -9.91 8.66
N THR A 249 15.69 -9.32 8.10
CA THR A 249 15.56 -8.01 7.47
C THR A 249 14.60 -8.05 6.29
N LEU A 250 14.74 -9.07 5.44
CA LEU A 250 13.83 -9.23 4.30
C LEU A 250 12.39 -9.29 4.79
N ALA A 251 12.14 -10.21 5.71
CA ALA A 251 10.81 -10.38 6.31
C ALA A 251 10.26 -9.05 6.84
N TYR A 252 11.13 -8.31 7.50
CA TYR A 252 10.76 -7.04 8.10
C TYR A 252 10.32 -6.05 7.02
N SER A 253 11.08 -5.98 5.93
CA SER A 253 10.72 -5.12 4.80
C SER A 253 9.36 -5.51 4.23
N ALA A 254 9.20 -6.80 3.96
CA ALA A 254 7.95 -7.34 3.42
C ALA A 254 6.76 -6.92 4.28
N LEU A 255 6.93 -7.06 5.60
CA LEU A 255 5.85 -6.72 6.52
C LEU A 255 5.55 -5.23 6.50
N GLN A 256 6.58 -4.40 6.43
CA GLN A 256 6.32 -2.95 6.34
C GLN A 256 5.50 -2.61 5.11
N MET A 257 5.88 -3.21 3.97
CA MET A 257 5.17 -2.96 2.73
C MET A 257 3.71 -3.44 2.81
N ALA A 258 3.52 -4.66 3.31
CA ALA A 258 2.18 -5.23 3.47
C ALA A 258 1.31 -4.39 4.39
N LEU A 259 1.90 -3.95 5.50
CA LEU A 259 1.22 -3.06 6.42
C LEU A 259 0.75 -1.78 5.74
N ARG A 260 1.65 -1.09 5.05
CA ARG A 260 1.26 0.17 4.42
C ARG A 260 0.18 -0.03 3.36
N ARG A 261 0.30 -1.10 2.59
CA ARG A 261 -0.75 -1.40 1.62
C ARG A 261 -2.09 -1.58 2.29
N ILE A 262 -2.12 -2.32 3.40
CA ILE A 262 -3.39 -2.67 4.02
C ILE A 262 -3.96 -1.61 4.97
N HIS A 263 -3.16 -1.12 5.91
CA HIS A 263 -3.62 -0.12 6.88
C HIS A 263 -2.87 1.20 6.75
N HIS A 264 -3.59 2.30 6.64
CA HIS A 264 -2.97 3.62 6.44
C HIS A 264 -3.96 4.72 6.80
N LEU A 265 -4.32 4.79 8.08
CA LEU A 265 -5.33 5.74 8.51
C LEU A 265 -4.79 7.16 8.48
N PRO A 266 -5.62 8.09 8.00
CA PRO A 266 -5.26 9.51 8.07
C PRO A 266 -5.28 9.97 9.51
N ASP A 267 -4.60 11.07 9.81
CA ASP A 267 -4.61 11.66 11.15
C ASP A 267 -6.02 12.18 11.43
N PRO A 268 -6.58 11.78 12.58
CA PRO A 268 -7.94 12.21 12.93
C PRO A 268 -8.01 13.72 13.09
N GLN A 269 -8.99 14.34 12.43
CA GLN A 269 -9.15 15.79 12.51
C GLN A 269 -9.66 16.19 13.89
N LYS A 270 -10.69 15.50 14.37
CA LYS A 270 -11.16 15.63 15.75
C LYS A 270 -10.47 14.55 16.56
N SER A 271 -9.45 14.94 17.35
CA SER A 271 -8.68 13.94 18.09
C SER A 271 -8.87 14.01 19.59
N VAL A 272 -8.72 12.86 20.24
CA VAL A 272 -8.87 12.74 21.68
C VAL A 272 -7.65 13.35 22.37
N GLY A 273 -6.54 13.36 21.65
CA GLY A 273 -5.29 13.89 22.17
C GLY A 273 -4.17 13.72 21.16
N ALA A 274 -2.96 14.10 21.54
CA ALA A 274 -1.81 14.03 20.65
C ALA A 274 -0.70 13.22 21.30
N VAL A 275 0.00 12.43 20.49
CA VAL A 275 1.02 11.54 21.01
C VAL A 275 2.19 11.42 20.05
N LEU A 276 3.40 11.36 20.60
CA LEU A 276 4.60 11.18 19.80
C LEU A 276 5.10 9.74 19.91
N VAL A 277 5.27 9.08 18.77
CA VAL A 277 5.82 7.73 18.75
C VAL A 277 7.26 7.75 18.23
N ALA A 278 8.18 7.29 19.06
CA ALA A 278 9.60 7.39 18.71
C ALA A 278 10.32 6.06 18.83
N GLY A 279 11.36 5.89 18.02
CA GLY A 279 12.25 4.77 18.18
C GLY A 279 13.46 5.19 19.00
N VAL A 280 14.16 4.23 19.57
CA VAL A 280 15.45 4.51 20.19
C VAL A 280 16.48 4.66 19.08
N PRO A 281 17.29 5.73 19.12
CA PRO A 281 18.28 5.99 18.07
C PRO A 281 19.13 4.75 17.79
N GLY A 282 19.19 4.35 16.53
CA GLY A 282 19.94 3.18 16.14
C GLY A 282 19.03 1.98 16.00
N HIS A 283 18.07 1.83 16.92
CA HIS A 283 17.04 0.85 16.73
C HIS A 283 16.15 1.40 15.62
N LYS A 284 15.64 0.53 14.76
CA LYS A 284 14.80 1.01 13.68
C LYS A 284 13.45 0.37 13.79
N PRO A 285 12.68 0.72 14.83
CA PRO A 285 11.38 0.08 14.98
C PRO A 285 10.40 0.67 13.99
N ILE A 286 10.75 0.60 12.72
CA ILE A 286 9.93 1.16 11.65
C ILE A 286 8.54 0.53 11.66
N LEU A 287 8.52 -0.79 11.63
CA LEU A 287 7.25 -1.52 11.60
C LEU A 287 6.47 -1.28 12.87
N GLU A 288 7.14 -1.39 14.01
CA GLU A 288 6.44 -1.31 15.29
C GLU A 288 5.94 0.09 15.55
N ALA A 289 6.70 1.09 15.12
CA ALA A 289 6.24 2.47 15.25
C ALA A 289 5.07 2.75 14.32
N ALA A 290 5.15 2.24 13.09
CA ALA A 290 4.02 2.40 12.18
C ALA A 290 2.73 1.75 12.74
N LEU A 291 2.89 0.55 13.32
CA LEU A 291 1.76 -0.15 13.93
C LEU A 291 1.22 0.66 15.10
N ALA A 292 2.12 1.17 15.91
CA ALA A 292 1.73 1.97 17.08
C ALA A 292 0.89 3.15 16.63
N ALA A 293 1.34 3.80 15.58
CA ALA A 293 0.62 4.95 15.06
C ALA A 293 -0.75 4.55 14.52
N GLU A 294 -0.83 3.43 13.80
CA GLU A 294 -2.12 2.99 13.25
C GLU A 294 -3.12 2.67 14.36
N MET A 295 -2.66 1.92 15.36
CA MET A 295 -3.53 1.54 16.48
C MET A 295 -4.00 2.76 17.22
N LEU A 296 -3.08 3.67 17.54
CA LEU A 296 -3.47 4.89 18.25
C LEU A 296 -4.39 5.80 17.43
N ARG A 297 -4.18 5.87 16.13
CA ARG A 297 -5.06 6.66 15.27
C ARG A 297 -6.44 6.05 15.18
N ALA A 298 -6.50 4.72 15.20
CA ALA A 298 -7.77 4.00 15.08
C ALA A 298 -8.70 4.24 16.27
N VAL A 299 -8.13 4.72 17.39
CA VAL A 299 -8.96 5.05 18.55
C VAL A 299 -9.04 6.56 18.82
N GLY A 300 -8.52 7.34 17.88
CA GLY A 300 -8.76 8.77 17.89
C GLY A 300 -7.60 9.64 18.35
N TRP A 301 -6.40 9.08 18.39
CA TRP A 301 -5.23 9.86 18.78
C TRP A 301 -4.58 10.48 17.57
N SER A 302 -4.18 11.74 17.70
CA SER A 302 -3.32 12.35 16.71
C SER A 302 -1.92 11.85 16.99
N THR A 303 -1.28 11.22 16.02
CA THR A 303 0.01 10.58 16.25
C THR A 303 1.06 11.03 15.26
N SER A 304 2.26 11.29 15.77
CA SER A 304 3.41 11.59 14.93
C SER A 304 4.47 10.53 15.17
N VAL A 305 5.10 10.09 14.10
CA VAL A 305 6.18 9.12 14.22
C VAL A 305 7.50 9.85 14.05
N VAL A 306 8.44 9.61 14.95
CA VAL A 306 9.74 10.25 14.87
C VAL A 306 10.82 9.21 15.03
N HIS A 307 11.83 9.29 14.17
CA HIS A 307 13.01 8.47 14.34
C HIS A 307 14.21 9.37 14.57
N PRO A 308 14.40 9.77 15.84
CA PRO A 308 15.51 10.68 16.20
C PRO A 308 16.84 9.93 16.18
N GLU A 309 17.94 10.64 15.94
CA GLU A 309 19.24 9.98 15.99
C GLU A 309 20.05 10.42 17.21
N SER A 310 19.45 11.30 18.01
CA SER A 310 20.06 11.74 19.26
C SER A 310 18.98 12.02 20.28
N VAL A 311 19.35 12.00 21.55
CA VAL A 311 18.44 12.36 22.64
C VAL A 311 18.04 13.82 22.54
N ALA A 312 19.01 14.67 22.19
CA ALA A 312 18.78 16.09 22.07
C ALA A 312 17.72 16.45 21.02
N ALA A 313 17.77 15.76 19.88
CA ALA A 313 16.78 15.96 18.82
C ALA A 313 15.36 15.77 19.36
N LEU A 314 15.13 14.65 20.03
CA LEU A 314 13.83 14.34 20.59
C LEU A 314 13.47 15.35 21.68
N ALA A 315 14.44 15.74 22.48
CA ALA A 315 14.22 16.79 23.48
C ALA A 315 13.66 18.05 22.83
N ALA A 316 14.30 18.48 21.75
CA ALA A 316 13.85 19.64 20.98
C ALA A 316 12.43 19.44 20.44
N ARG A 317 12.19 18.34 19.75
CA ARG A 317 10.85 18.05 19.22
C ARG A 317 9.78 18.06 20.31
N LEU A 318 10.15 17.65 21.52
CA LEU A 318 9.19 17.56 22.61
C LEU A 318 8.89 18.92 23.23
N LYS A 319 9.91 19.72 23.45
CA LYS A 319 9.68 21.05 24.00
C LYS A 319 9.03 21.96 22.97
N THR A 320 9.16 21.60 21.70
CA THR A 320 8.49 22.34 20.62
C THR A 320 7.04 21.91 20.48
N SER A 321 6.81 20.60 20.49
CA SER A 321 5.47 20.05 20.35
C SER A 321 4.63 20.30 21.59
N ARG A 322 5.28 20.28 22.74
CA ARG A 322 4.62 20.29 24.04
C ARG A 322 3.65 19.11 24.18
N THR A 323 3.85 18.10 23.34
CA THR A 323 3.09 16.86 23.42
C THR A 323 3.61 16.08 24.61
N SER A 324 2.82 16.03 25.67
CA SER A 324 3.27 15.51 26.96
C SER A 324 3.33 14.00 27.01
N THR A 325 3.02 13.34 25.90
CA THR A 325 3.01 11.88 25.89
C THR A 325 3.92 11.29 24.81
N LEU A 326 4.83 10.42 25.25
CA LEU A 326 5.80 9.78 24.36
C LEU A 326 5.74 8.26 24.45
N VAL A 327 5.49 7.60 23.31
CA VAL A 327 5.55 6.15 23.24
C VAL A 327 6.85 5.68 22.61
N VAL A 328 7.69 5.00 23.37
CA VAL A 328 8.91 4.43 22.81
C VAL A 328 8.61 3.08 22.19
N ALA A 329 8.51 3.05 20.87
CA ALA A 329 8.22 1.81 20.15
C ALA A 329 9.39 0.86 20.31
N PRO A 330 9.10 -0.40 20.61
CA PRO A 330 10.16 -1.40 20.74
C PRO A 330 10.49 -2.01 19.38
N SER A 331 11.71 -2.53 19.26
CA SER A 331 12.11 -3.29 18.09
C SER A 331 12.09 -4.76 18.46
N LEU A 332 11.05 -5.48 18.02
CA LEU A 332 10.86 -6.86 18.42
C LEU A 332 11.72 -7.87 17.66
N LEU A 333 12.63 -7.40 16.82
CA LEU A 333 13.51 -8.31 16.09
C LEU A 333 14.99 -7.98 16.31
N GLU A 334 15.26 -6.83 16.90
CA GLU A 334 16.61 -6.48 17.33
C GLU A 334 16.61 -6.35 18.84
N GLY A 335 16.74 -7.48 19.52
CA GLY A 335 16.61 -7.52 20.96
C GLY A 335 17.87 -7.99 21.67
N THR A 336 18.99 -7.90 20.97
CA THR A 336 20.27 -8.25 21.58
C THR A 336 20.59 -7.26 22.70
N GLU A 337 20.26 -5.99 22.46
CA GLU A 337 20.56 -4.94 23.42
C GLU A 337 19.51 -3.84 23.42
N GLN A 338 18.24 -4.21 23.29
CA GLN A 338 17.16 -3.22 23.31
C GLN A 338 16.95 -2.65 24.72
N GLU A 339 17.10 -3.51 25.73
CA GLU A 339 16.77 -3.18 27.11
C GLU A 339 17.59 -2.02 27.67
N ALA A 340 18.88 -2.26 27.89
CA ALA A 340 19.78 -1.26 28.45
C ALA A 340 19.82 0.00 27.62
N ASP A 341 19.71 -0.16 26.30
CA ASP A 341 19.64 0.98 25.40
C ASP A 341 18.45 1.86 25.73
N THR A 342 17.27 1.26 25.84
CA THR A 342 16.05 1.99 26.15
C THR A 342 16.15 2.66 27.51
N LEU A 343 16.70 1.93 28.49
CA LEU A 343 16.94 2.49 29.81
C LEU A 343 17.78 3.77 29.73
N ARG A 344 18.94 3.67 29.11
CA ARG A 344 19.84 4.81 28.97
C ARG A 344 19.17 5.96 28.24
N PHE A 345 18.39 5.63 27.22
CA PHE A 345 17.75 6.63 26.38
C PHE A 345 16.69 7.41 27.15
N VAL A 346 15.84 6.69 27.85
CA VAL A 346 14.77 7.30 28.63
C VAL A 346 15.32 8.10 29.80
N SER A 347 16.29 7.52 30.50
CA SER A 347 16.94 8.21 31.60
C SER A 347 17.57 9.52 31.11
N ALA A 348 18.36 9.42 30.05
CA ALA A 348 19.01 10.58 29.46
C ALA A 348 17.98 11.65 29.11
N LEU A 349 16.95 11.22 28.40
CA LEU A 349 15.86 12.10 28.02
C LEU A 349 15.30 12.85 29.23
N ARG A 350 15.04 12.12 30.32
CA ARG A 350 14.53 12.74 31.54
C ARG A 350 15.51 13.77 32.11
N ALA A 351 16.80 13.49 31.98
CA ALA A 351 17.83 14.41 32.46
C ALA A 351 17.88 15.72 31.65
N ARG A 352 17.91 15.60 30.33
CA ARG A 352 17.94 16.78 29.45
C ARG A 352 16.62 17.53 29.46
N THR A 353 15.60 16.93 30.05
CA THR A 353 14.26 17.50 30.02
C THR A 353 13.92 18.25 31.29
N ASP A 354 13.13 19.30 31.12
CA ASP A 354 12.49 19.97 32.24
C ASP A 354 10.99 20.07 31.95
N LEU A 355 10.31 18.94 32.03
CA LEU A 355 8.87 18.87 31.73
C LEU A 355 8.12 17.93 32.69
N PRO A 356 7.52 18.50 33.75
CA PRO A 356 6.79 17.77 34.79
C PRO A 356 5.54 17.04 34.27
N GLY A 357 5.05 17.43 33.10
CA GLY A 357 3.84 16.84 32.56
C GLY A 357 4.12 15.71 31.60
N LEU A 358 5.39 15.43 31.33
CA LEU A 358 5.76 14.44 30.33
C LEU A 358 5.51 12.99 30.78
N SER A 359 4.90 12.21 29.89
CA SER A 359 4.64 10.81 30.16
C SER A 359 5.33 9.91 29.13
N ILE A 360 6.00 8.86 29.61
CA ILE A 360 6.75 7.96 28.74
C ILE A 360 6.29 6.52 28.91
N LEU A 361 5.95 5.87 27.80
CA LEU A 361 5.56 4.47 27.80
C LEU A 361 6.59 3.63 27.06
N VAL A 362 6.85 2.43 27.55
CA VAL A 362 7.87 1.59 26.93
C VAL A 362 7.34 0.19 26.63
N GLY A 363 7.85 -0.43 25.57
CA GLY A 363 7.43 -1.77 25.23
C GLY A 363 8.57 -2.77 25.37
N GLY A 364 8.44 -3.89 24.67
CA GLY A 364 9.49 -4.90 24.63
C GLY A 364 9.80 -5.57 25.95
N ARG A 365 11.03 -6.08 26.07
CA ARG A 365 11.44 -6.82 27.25
C ARG A 365 11.47 -5.92 28.48
N LEU A 366 11.60 -4.62 28.25
CA LEU A 366 11.63 -3.66 29.34
C LEU A 366 10.28 -3.65 30.04
N ALA A 367 9.23 -3.94 29.29
CA ALA A 367 7.87 -3.92 29.82
C ALA A 367 7.55 -5.21 30.57
N GLN A 368 8.45 -6.18 30.50
CA GLN A 368 8.24 -7.47 31.15
C GLN A 368 8.66 -7.43 32.62
N LEU A 369 9.43 -6.41 32.98
CA LEU A 369 9.88 -6.23 34.36
C LEU A 369 8.71 -5.81 35.25
N PRO A 370 8.78 -6.11 36.55
CA PRO A 370 7.74 -5.67 37.48
C PRO A 370 7.76 -4.15 37.64
N PRO A 371 6.58 -3.51 37.68
CA PRO A 371 6.42 -2.05 37.71
C PRO A 371 7.27 -1.31 38.76
N SER A 372 7.84 -2.02 39.72
CA SER A 372 8.80 -1.42 40.63
C SER A 372 10.00 -0.96 39.83
N LYS A 373 10.49 -1.85 38.96
CA LYS A 373 11.56 -1.54 38.04
C LYS A 373 11.14 -0.40 37.12
N LEU A 374 9.85 -0.33 36.79
CA LEU A 374 9.32 0.75 35.96
C LEU A 374 9.47 2.09 36.65
N LYS A 375 9.11 2.14 37.93
CA LYS A 375 9.33 3.33 38.74
C LYS A 375 10.81 3.69 38.72
N ASP A 376 11.64 2.68 38.92
CA ASP A 376 13.10 2.88 38.93
C ASP A 376 13.62 3.34 37.56
N SER A 377 12.83 3.14 36.52
CA SER A 377 13.29 3.33 35.15
C SER A 377 13.16 4.74 34.62
N GLY A 378 12.17 5.47 35.12
CA GLY A 378 11.90 6.80 34.60
C GLY A 378 10.86 6.75 33.51
N ALA A 379 10.59 5.56 33.00
CA ALA A 379 9.44 5.35 32.15
C ALA A 379 8.24 5.26 33.08
N ASP A 380 7.09 5.78 32.64
CA ASP A 380 5.92 5.86 33.50
C ASP A 380 5.10 4.58 33.53
N ALA A 381 5.03 3.88 32.40
CA ALA A 381 4.27 2.64 32.30
C ALA A 381 4.74 1.80 31.13
N GLY A 382 4.35 0.52 31.12
CA GLY A 382 4.77 -0.39 30.07
C GLY A 382 3.65 -1.05 29.30
N PHE A 383 4.00 -1.68 28.18
CA PHE A 383 3.09 -2.52 27.42
C PHE A 383 3.85 -3.73 26.86
N ALA A 384 3.63 -4.88 27.48
CA ALA A 384 4.43 -6.08 27.20
C ALA A 384 4.10 -6.68 25.84
N HIS A 385 3.09 -6.12 25.19
CA HIS A 385 2.64 -6.59 23.90
C HIS A 385 2.07 -5.40 23.13
N LEU A 386 2.35 -5.33 21.84
CA LEU A 386 1.94 -4.19 21.02
C LEU A 386 0.46 -3.88 21.11
N ALA A 387 -0.38 -4.91 21.05
CA ALA A 387 -1.82 -4.72 21.06
C ALA A 387 -2.33 -4.14 22.38
N LEU A 388 -1.47 -4.13 23.39
CA LEU A 388 -1.85 -3.58 24.69
C LEU A 388 -1.61 -2.08 24.75
N LEU A 389 -0.98 -1.54 23.70
CA LEU A 389 -0.60 -0.14 23.69
C LEU A 389 -1.76 0.85 23.89
N PRO A 390 -2.84 0.73 23.09
CA PRO A 390 -3.98 1.64 23.32
C PRO A 390 -4.41 1.68 24.78
N ALA A 391 -4.63 0.51 25.37
CA ALA A 391 -5.06 0.44 26.77
C ALA A 391 -4.06 1.07 27.74
N ALA A 392 -2.77 0.85 27.51
CA ALA A 392 -1.75 1.38 28.39
C ALA A 392 -1.72 2.91 28.34
N LEU A 393 -2.03 3.45 27.15
CA LEU A 393 -2.03 4.88 26.95
C LEU A 393 -3.21 5.54 27.66
N ALA A 394 -4.39 4.97 27.50
CA ALA A 394 -5.60 5.51 28.11
C ALA A 394 -5.46 5.70 29.62
N ARG A 395 -4.79 4.75 30.27
CA ARG A 395 -4.57 4.80 31.71
C ARG A 395 -3.83 6.07 32.14
N VAL A 396 -2.84 6.46 31.36
CA VAL A 396 -2.04 7.64 31.68
C VAL A 396 -2.80 8.94 31.39
N ALA A 397 -3.73 8.89 30.42
CA ALA A 397 -4.52 10.05 30.09
C ALA A 397 -5.80 10.15 30.92
N ASP B 14 -23.45 16.49 -27.98
CA ASP B 14 -22.31 16.91 -28.79
C ASP B 14 -21.22 15.83 -28.80
N LEU B 15 -19.99 16.21 -29.15
CA LEU B 15 -18.89 15.27 -29.30
C LEU B 15 -18.22 14.93 -27.96
N VAL B 16 -17.64 13.73 -27.89
CA VAL B 16 -16.94 13.26 -26.70
C VAL B 16 -15.77 12.38 -27.14
N SER B 17 -14.66 12.42 -26.39
CA SER B 17 -13.56 11.52 -26.65
C SER B 17 -13.32 10.58 -25.48
N CYS B 18 -12.84 9.39 -25.80
CA CYS B 18 -12.43 8.42 -24.79
C CYS B 18 -11.10 7.81 -25.21
N SER B 19 -10.17 7.73 -24.28
CA SER B 19 -8.86 7.16 -24.55
C SER B 19 -8.49 6.18 -23.46
N TYR B 20 -7.70 5.16 -23.82
CA TYR B 20 -7.32 4.16 -22.86
C TYR B 20 -5.99 3.51 -23.22
N ARG B 21 -5.42 2.82 -22.25
CA ARG B 21 -4.21 2.05 -22.41
C ARG B 21 -4.53 0.59 -22.14
N SER B 22 -4.01 -0.31 -22.95
CA SER B 22 -4.24 -1.74 -22.74
C SER B 22 -3.01 -2.58 -23.04
N LEU B 23 -3.04 -3.82 -22.57
CA LEU B 23 -1.96 -4.76 -22.81
C LEU B 23 -2.32 -5.69 -23.95
N ALA B 24 -1.53 -5.64 -25.03
CA ALA B 24 -1.78 -6.50 -26.17
C ALA B 24 -1.50 -7.95 -25.80
N ALA B 25 -2.25 -8.87 -26.40
CA ALA B 25 -2.02 -10.30 -26.20
C ALA B 25 -0.57 -10.63 -26.52
N PRO B 26 0.05 -11.45 -25.68
CA PRO B 26 1.48 -11.78 -25.82
C PRO B 26 1.78 -12.38 -27.19
N ASP B 27 0.87 -13.21 -27.69
CA ASP B 27 1.02 -13.87 -28.97
C ASP B 27 0.30 -13.14 -30.09
N LEU B 28 0.14 -11.83 -29.94
CA LEU B 28 -0.54 -11.02 -30.95
C LEU B 28 0.26 -11.03 -32.25
N THR B 29 -0.45 -11.21 -33.36
CA THR B 29 0.19 -11.25 -34.66
C THR B 29 -0.32 -10.12 -35.52
N LEU B 30 0.17 -10.03 -36.74
CA LEU B 30 -0.27 -9.00 -37.67
C LEU B 30 -1.71 -9.23 -38.12
N ARG B 31 -2.08 -10.50 -38.28
CA ARG B 31 -3.44 -10.80 -38.73
C ARG B 31 -4.46 -10.48 -37.65
N ASP B 32 -4.04 -10.53 -36.40
CA ASP B 32 -4.88 -10.05 -35.31
C ASP B 32 -5.07 -8.55 -35.48
N LEU B 33 -3.94 -7.84 -35.62
CA LEU B 33 -3.93 -6.39 -35.71
C LEU B 33 -4.81 -5.89 -36.85
N LEU B 34 -4.71 -6.54 -37.99
CA LEU B 34 -5.43 -6.12 -39.18
C LEU B 34 -6.93 -6.39 -39.06
N ASP B 35 -7.28 -7.51 -38.46
CA ASP B 35 -8.69 -7.84 -38.21
C ASP B 35 -9.33 -6.80 -37.31
N ILE B 36 -8.60 -6.39 -36.28
CA ILE B 36 -9.05 -5.33 -35.38
C ILE B 36 -9.31 -4.06 -36.18
N VAL B 37 -8.38 -3.73 -37.05
CA VAL B 37 -8.41 -2.50 -37.83
C VAL B 37 -9.57 -2.46 -38.82
N GLU B 38 -9.78 -3.58 -39.51
CA GLU B 38 -10.85 -3.66 -40.51
C GLU B 38 -12.23 -3.70 -39.86
N THR B 39 -12.34 -4.42 -38.76
CA THR B 39 -13.59 -4.46 -38.01
C THR B 39 -13.93 -3.06 -37.54
N SER B 40 -12.94 -2.39 -36.97
CA SER B 40 -13.14 -1.05 -36.44
C SER B 40 -13.49 -0.04 -37.54
N GLN B 41 -12.79 -0.10 -38.67
CA GLN B 41 -13.05 0.84 -39.76
C GLN B 41 -14.47 0.75 -40.30
N ALA B 42 -14.92 -0.47 -40.56
CA ALA B 42 -16.27 -0.68 -41.05
C ALA B 42 -17.29 -0.17 -40.05
N HIS B 43 -17.12 -0.56 -38.78
CA HIS B 43 -18.08 -0.18 -37.76
C HIS B 43 -18.05 1.31 -37.44
N ASN B 44 -16.85 1.86 -37.25
CA ASN B 44 -16.69 3.28 -36.92
C ASN B 44 -17.29 4.19 -37.99
N ALA B 45 -17.08 3.82 -39.25
CA ALA B 45 -17.67 4.54 -40.37
C ALA B 45 -19.16 4.70 -40.15
N ARG B 46 -19.86 3.57 -40.05
CA ARG B 46 -21.31 3.57 -39.87
C ARG B 46 -21.74 4.30 -38.60
N ALA B 47 -20.94 4.15 -37.56
CA ALA B 47 -21.31 4.69 -36.25
C ALA B 47 -20.88 6.14 -36.06
N GLN B 48 -20.20 6.70 -37.07
CA GLN B 48 -19.62 8.04 -37.00
C GLN B 48 -18.58 8.16 -35.90
N LEU B 49 -17.86 7.06 -35.66
CA LEU B 49 -16.73 7.07 -34.75
C LEU B 49 -15.46 7.37 -35.51
N THR B 50 -14.58 8.16 -34.90
CA THR B 50 -13.24 8.34 -35.43
C THR B 50 -12.20 8.17 -34.33
N GLY B 51 -10.97 7.93 -34.74
CA GLY B 51 -9.90 7.84 -33.78
C GLY B 51 -8.69 7.12 -34.34
N ALA B 52 -7.82 6.69 -33.45
CA ALA B 52 -6.56 6.13 -33.87
C ALA B 52 -6.08 5.10 -32.85
N LEU B 53 -5.36 4.11 -33.35
CA LEU B 53 -4.87 3.02 -32.52
C LEU B 53 -3.38 2.90 -32.65
N PHE B 54 -2.68 3.02 -31.53
CA PHE B 54 -1.25 2.98 -31.53
C PHE B 54 -0.77 1.75 -30.77
N TYR B 55 0.10 0.98 -31.41
CA TYR B 55 0.63 -0.25 -30.84
C TYR B 55 2.14 -0.15 -30.70
N SER B 56 2.65 -0.39 -29.51
CA SER B 56 4.08 -0.29 -29.27
C SER B 56 4.51 -1.22 -28.14
N GLN B 57 5.37 -2.17 -28.47
CA GLN B 57 5.94 -3.09 -27.50
C GLN B 57 4.89 -3.81 -26.65
N GLY B 58 3.84 -4.30 -27.28
CA GLY B 58 2.81 -5.03 -26.55
C GLY B 58 1.80 -4.17 -25.82
N VAL B 59 1.79 -2.88 -26.11
CA VAL B 59 0.86 -1.96 -25.47
C VAL B 59 0.00 -1.23 -26.51
N PHE B 60 -1.29 -1.09 -26.20
CA PHE B 60 -2.19 -0.30 -27.03
C PHE B 60 -2.49 1.03 -26.37
N PHE B 61 -2.51 2.08 -27.18
CA PHE B 61 -3.16 3.32 -26.80
C PHE B 61 -4.27 3.46 -27.83
N GLN B 62 -5.48 3.80 -27.39
CA GLN B 62 -6.51 4.10 -28.36
C GLN B 62 -7.24 5.41 -28.03
N TRP B 63 -7.66 6.09 -29.09
CA TRP B 63 -8.46 7.30 -28.97
C TRP B 63 -9.69 7.09 -29.83
N LEU B 64 -10.87 7.30 -29.25
CA LEU B 64 -12.13 7.17 -29.95
C LEU B 64 -12.98 8.40 -29.67
N GLU B 65 -13.62 8.92 -30.71
CA GLU B 65 -14.40 10.13 -30.56
C GLU B 65 -15.63 10.13 -31.45
N GLY B 66 -16.69 10.77 -30.94
CA GLY B 66 -17.95 10.84 -31.64
C GLY B 66 -19.06 11.08 -30.62
N ARG B 67 -20.29 10.75 -31.01
CA ARG B 67 -21.43 10.89 -30.12
C ARG B 67 -21.24 9.99 -28.90
N PRO B 68 -21.70 10.44 -27.73
CA PRO B 68 -21.53 9.71 -26.47
C PRO B 68 -22.03 8.27 -26.54
N ALA B 69 -23.21 8.07 -27.11
CA ALA B 69 -23.82 6.75 -27.16
C ALA B 69 -22.99 5.76 -27.96
N ALA B 70 -22.38 6.23 -29.04
CA ALA B 70 -21.60 5.37 -29.90
C ALA B 70 -20.29 4.95 -29.23
N VAL B 71 -19.62 5.91 -28.62
CA VAL B 71 -18.35 5.66 -27.93
C VAL B 71 -18.55 4.68 -26.78
N ALA B 72 -19.65 4.85 -26.05
CA ALA B 72 -19.98 3.97 -24.94
C ALA B 72 -20.28 2.56 -25.43
N GLU B 73 -21.07 2.47 -26.49
CA GLU B 73 -21.45 1.18 -27.08
C GLU B 73 -20.22 0.41 -27.56
N VAL B 74 -19.32 1.09 -28.25
CA VAL B 74 -18.14 0.42 -28.79
C VAL B 74 -17.16 0.05 -27.69
N MET B 75 -17.06 0.89 -26.66
CA MET B 75 -16.17 0.58 -25.53
C MET B 75 -16.61 -0.72 -24.85
N THR B 76 -17.92 -0.95 -24.82
CA THR B 76 -18.48 -2.17 -24.28
C THR B 76 -17.88 -3.39 -24.97
N HIS B 77 -17.85 -3.36 -26.29
CA HIS B 77 -17.29 -4.46 -27.06
C HIS B 77 -15.80 -4.57 -26.85
N ILE B 78 -15.12 -3.42 -26.78
CA ILE B 78 -13.67 -3.40 -26.65
C ILE B 78 -13.18 -3.94 -25.30
N GLN B 79 -13.86 -3.55 -24.23
CA GLN B 79 -13.42 -3.93 -22.90
C GLN B 79 -13.53 -5.43 -22.68
N ARG B 80 -14.37 -6.09 -23.47
CA ARG B 80 -14.54 -7.53 -23.33
C ARG B 80 -13.70 -8.29 -24.36
N ASP B 81 -13.07 -7.56 -25.27
CA ASP B 81 -12.24 -8.18 -26.30
C ASP B 81 -11.04 -8.90 -25.67
N ARG B 82 -10.69 -10.04 -26.23
CA ARG B 82 -9.68 -10.90 -25.62
C ARG B 82 -8.33 -10.81 -26.31
N ARG B 83 -8.22 -9.91 -27.29
CA ARG B 83 -6.94 -9.66 -27.93
C ARG B 83 -6.12 -8.65 -27.15
N HIS B 84 -6.69 -8.20 -26.03
CA HIS B 84 -5.97 -7.37 -25.07
C HIS B 84 -6.59 -7.49 -23.68
N SER B 85 -5.86 -7.03 -22.67
CA SER B 85 -6.34 -7.03 -21.30
C SER B 85 -5.81 -5.82 -20.54
N ASN B 86 -6.14 -5.73 -19.26
CA ASN B 86 -5.83 -4.57 -18.44
C ASN B 86 -6.19 -3.24 -19.12
N VAL B 87 -7.44 -3.11 -19.52
CA VAL B 87 -7.88 -1.86 -20.14
C VAL B 87 -8.10 -0.79 -19.07
N GLU B 88 -7.14 0.12 -18.95
CA GLU B 88 -7.30 1.24 -18.05
C GLU B 88 -7.59 2.53 -18.81
N ILE B 89 -8.77 3.10 -18.54
CA ILE B 89 -9.19 4.35 -19.13
C ILE B 89 -8.29 5.52 -18.72
N LEU B 90 -7.88 6.32 -19.69
CA LEU B 90 -7.00 7.45 -19.43
C LEU B 90 -7.79 8.76 -19.38
N ALA B 91 -8.73 8.91 -20.30
CA ALA B 91 -9.50 10.15 -20.38
C ALA B 91 -10.89 9.91 -20.95
N GLU B 92 -11.86 10.61 -20.39
CA GLU B 92 -13.23 10.62 -20.92
C GLU B 92 -13.70 12.06 -20.93
N GLU B 93 -13.44 12.73 -22.03
CA GLU B 93 -13.56 14.17 -22.10
C GLU B 93 -14.41 14.58 -23.28
N PRO B 94 -15.30 15.56 -23.08
CA PRO B 94 -16.02 16.17 -24.20
C PRO B 94 -15.03 16.94 -25.07
N ILE B 95 -15.25 16.97 -26.38
CA ILE B 95 -14.37 17.69 -27.29
C ILE B 95 -15.18 18.59 -28.22
N ALA B 96 -14.61 19.73 -28.58
CA ALA B 96 -15.29 20.68 -29.45
C ALA B 96 -15.21 20.24 -30.89
N LYS B 97 -14.08 19.64 -31.26
CA LYS B 97 -13.82 19.22 -32.64
C LYS B 97 -13.09 17.88 -32.66
N ARG B 98 -13.37 17.06 -33.67
CA ARG B 98 -12.69 15.77 -33.83
C ARG B 98 -11.18 15.92 -34.05
N ARG B 99 -10.40 15.20 -33.26
CA ARG B 99 -8.95 15.23 -33.41
C ARG B 99 -8.45 14.37 -34.56
N PHE B 100 -9.29 13.42 -35.00
CA PHE B 100 -8.91 12.48 -36.06
C PHE B 100 -10.00 12.38 -37.12
N ALA B 101 -10.43 13.51 -37.65
CA ALA B 101 -11.62 13.59 -38.50
C ALA B 101 -11.64 12.68 -39.73
N GLY B 102 -10.51 12.57 -40.42
CA GLY B 102 -10.45 11.72 -41.60
C GLY B 102 -10.46 10.23 -41.29
N TRP B 103 -10.07 9.88 -40.07
CA TRP B 103 -9.75 8.51 -39.70
C TRP B 103 -10.83 7.78 -38.93
N HIS B 104 -11.52 6.86 -39.57
CA HIS B 104 -12.51 6.03 -38.88
C HIS B 104 -11.80 5.27 -37.78
N MET B 105 -10.72 4.59 -38.16
CA MET B 105 -9.81 4.00 -37.20
C MET B 105 -8.46 3.74 -37.85
N GLN B 106 -7.50 4.59 -37.53
CA GLN B 106 -6.19 4.49 -38.14
C GLN B 106 -5.19 3.75 -37.26
N LEU B 107 -4.43 2.84 -37.86
CA LEU B 107 -3.45 2.04 -37.14
C LEU B 107 -2.11 2.74 -37.18
N SER B 108 -1.40 2.70 -36.06
CA SER B 108 -0.05 3.24 -36.02
C SER B 108 0.85 2.47 -35.06
N CYS B 109 2.15 2.45 -35.37
CA CYS B 109 3.16 1.84 -34.52
C CYS B 109 4.51 2.52 -34.74
N SER B 110 5.46 2.19 -33.87
CA SER B 110 6.81 2.76 -33.98
C SER B 110 7.58 2.14 -35.14
N GLU B 111 8.68 2.77 -35.52
CA GLU B 111 9.56 2.25 -36.57
C GLU B 111 10.02 0.84 -36.24
N ALA B 112 10.37 0.62 -34.98
CA ALA B 112 10.91 -0.66 -34.55
C ALA B 112 9.91 -1.79 -34.76
N ASP B 113 8.66 -1.55 -34.37
CA ASP B 113 7.63 -2.56 -34.52
C ASP B 113 7.20 -2.67 -35.98
N MET B 114 7.36 -1.58 -36.72
CA MET B 114 7.04 -1.53 -38.13
C MET B 114 7.90 -2.51 -38.91
N ARG B 115 9.15 -2.66 -38.45
CA ARG B 115 10.07 -3.61 -39.07
C ARG B 115 9.93 -4.99 -38.45
N SER B 116 9.60 -5.04 -37.17
CA SER B 116 9.45 -6.30 -36.46
C SER B 116 8.22 -7.09 -36.91
N LEU B 117 7.45 -6.51 -37.82
CA LEU B 117 6.30 -7.19 -38.38
C LEU B 117 6.35 -7.18 -39.91
N GLY B 118 7.37 -6.53 -40.46
CA GLY B 118 7.62 -6.49 -41.89
C GLY B 118 6.52 -5.84 -42.71
N LEU B 119 6.42 -4.52 -42.62
CA LEU B 119 5.32 -3.79 -43.26
C LEU B 119 5.79 -2.67 -44.19
N SER B 122 5.36 1.96 -45.07
CA SER B 122 4.55 2.44 -46.19
C SER B 122 3.22 3.01 -45.74
N ARG B 123 2.16 2.25 -45.99
CA ARG B 123 0.80 2.70 -45.74
C ARG B 123 -0.08 1.44 -45.66
N GLN B 124 -1.28 1.51 -45.07
CA GLN B 124 -1.88 2.74 -44.53
C GLN B 124 -1.34 3.11 -43.15
N ILE B 125 -0.44 2.28 -42.63
CA ILE B 125 0.07 2.45 -41.27
C ILE B 125 0.92 3.70 -41.09
N VAL B 126 0.64 4.43 -40.02
CA VAL B 126 1.38 5.64 -39.67
C VAL B 126 2.53 5.33 -38.74
N THR B 127 3.73 5.74 -39.13
CA THR B 127 4.93 5.37 -38.38
C THR B 127 5.36 6.47 -37.43
N VAL B 128 5.63 6.09 -36.17
CA VAL B 128 6.07 7.03 -35.15
C VAL B 128 7.55 6.78 -34.82
N GLY B 129 8.40 7.75 -35.14
CA GLY B 129 9.82 7.61 -34.90
C GLY B 129 10.19 7.90 -33.45
N ARG B 130 10.29 6.85 -32.65
CA ARG B 130 10.59 7.02 -31.24
C ARG B 130 12.09 6.90 -31.04
N SER B 131 12.79 6.67 -32.13
CA SER B 131 14.22 6.39 -32.12
C SER B 131 15.04 7.36 -31.28
N LEU B 132 14.80 8.65 -31.47
CA LEU B 132 15.64 9.68 -30.87
C LEU B 132 15.29 10.01 -29.41
N VAL B 133 14.12 9.58 -28.95
CA VAL B 133 13.70 9.97 -27.61
C VAL B 133 13.40 8.80 -26.69
N ALA B 134 13.42 7.59 -27.24
CA ALA B 134 13.07 6.39 -26.46
C ALA B 134 13.95 6.23 -25.24
N ASP B 135 15.21 6.64 -25.36
CA ASP B 135 16.20 6.51 -24.29
C ASP B 135 16.23 7.72 -23.38
N ASN B 136 15.31 8.67 -23.59
CA ASN B 136 15.30 9.90 -22.80
C ASN B 136 14.46 9.72 -21.53
N THR B 137 15.10 9.86 -20.38
CA THR B 137 14.44 9.61 -19.11
C THR B 137 13.63 10.78 -18.55
N ASN B 138 13.70 11.94 -19.19
CA ASN B 138 12.88 13.07 -18.77
C ASN B 138 11.46 13.05 -19.36
N ILE B 139 11.16 12.04 -20.17
CA ILE B 139 9.83 11.90 -20.73
C ILE B 139 8.97 10.92 -19.93
N PHE B 140 7.98 11.45 -19.22
CA PHE B 140 7.10 10.62 -18.39
C PHE B 140 6.02 9.91 -19.19
N SER B 141 5.33 8.97 -18.55
CA SER B 141 4.38 8.11 -19.25
C SER B 141 3.28 8.89 -19.96
N PHE B 142 2.74 9.90 -19.30
CA PHE B 142 1.63 10.63 -19.90
C PHE B 142 2.15 11.62 -20.93
N ASP B 143 3.41 12.00 -20.82
CA ASP B 143 4.05 12.80 -21.86
C ASP B 143 3.99 12.03 -23.19
N ARG B 144 4.34 10.74 -23.14
CA ARG B 144 4.35 9.92 -24.36
C ARG B 144 2.95 9.77 -24.94
N ILE B 145 1.97 9.52 -24.09
CA ILE B 145 0.58 9.44 -24.54
C ILE B 145 0.14 10.74 -25.24
N ALA B 146 0.40 11.88 -24.62
CA ALA B 146 -0.02 13.16 -25.21
C ALA B 146 0.72 13.48 -26.52
N ALA B 147 2.01 13.18 -26.55
CA ALA B 147 2.81 13.37 -27.75
C ALA B 147 2.30 12.55 -28.94
N VAL B 148 2.09 11.25 -28.71
CA VAL B 148 1.58 10.34 -29.72
C VAL B 148 0.24 10.83 -30.26
N ARG B 149 -0.64 11.23 -29.34
CA ARG B 149 -1.95 11.75 -29.72
C ARG B 149 -1.84 12.97 -30.63
N ARG B 150 -1.12 13.97 -30.16
CA ARG B 150 -0.96 15.22 -30.88
C ARG B 150 -0.32 14.96 -32.24
N PHE B 151 0.68 14.08 -32.26
CA PHE B 151 1.33 13.68 -33.50
C PHE B 151 0.36 13.06 -34.51
N LEU B 152 -0.32 11.99 -34.11
CA LEU B 152 -1.27 11.30 -34.97
C LEU B 152 -2.37 12.23 -35.47
N SER B 153 -2.91 13.04 -34.58
CA SER B 153 -3.95 14.00 -34.94
C SER B 153 -3.48 14.95 -36.04
N ASP B 154 -2.25 15.43 -35.89
CA ASP B 154 -1.65 16.30 -36.88
C ASP B 154 -1.34 15.55 -38.16
N VAL B 155 -0.83 14.33 -38.05
CA VAL B 155 -0.58 13.52 -39.24
C VAL B 155 -1.89 13.29 -39.99
N CYS B 156 -2.95 13.03 -39.25
CA CYS B 156 -4.29 12.98 -39.82
C CYS B 156 -4.58 14.23 -40.63
N ALA B 157 -4.52 15.40 -40.00
CA ALA B 157 -4.79 16.67 -40.69
C ALA B 157 -3.94 16.87 -41.95
N ALA B 158 -2.63 16.70 -41.83
CA ALA B 158 -1.73 16.84 -42.96
C ALA B 158 -2.02 15.85 -44.08
N ARG B 159 -2.47 14.64 -43.75
CA ARG B 159 -2.82 13.66 -44.79
C ARG B 159 -4.12 14.03 -45.50
N THR B 160 -5.09 14.53 -44.74
CA THR B 160 -6.32 15.03 -45.31
C THR B 160 -6.03 16.13 -46.33
N LEU B 161 -5.13 17.04 -45.98
CA LEU B 161 -4.83 18.19 -46.83
C LEU B 161 -3.84 17.86 -47.93
N ALA B 162 -2.79 17.11 -47.61
CA ALA B 162 -1.77 16.76 -48.59
C ALA B 162 -1.41 15.27 -48.52
N PRO B 163 -2.26 14.41 -49.11
CA PRO B 163 -2.13 12.96 -48.97
C PRO B 163 -0.82 12.45 -49.58
N ASP B 164 -0.30 13.19 -50.56
CA ASP B 164 0.96 12.83 -51.20
C ASP B 164 2.10 13.73 -50.71
N THR B 165 2.16 13.93 -49.41
CA THR B 165 3.26 14.66 -48.77
C THR B 165 3.66 13.89 -47.51
N PRO B 166 4.92 13.41 -47.49
CA PRO B 166 5.42 12.49 -46.47
C PRO B 166 5.85 13.19 -45.19
N VAL B 167 5.62 12.53 -44.06
CA VAL B 167 6.08 13.03 -42.78
C VAL B 167 7.37 12.33 -42.40
N GLU B 168 8.26 13.03 -41.72
CA GLU B 168 9.41 12.40 -41.11
C GLU B 168 8.88 11.64 -39.89
N ALA B 169 9.28 10.39 -39.74
CA ALA B 169 8.87 9.62 -38.57
C ALA B 169 9.37 10.31 -37.30
N ASP B 170 10.60 10.83 -37.37
CA ASP B 170 11.23 11.47 -36.23
C ASP B 170 10.71 12.87 -35.99
N THR B 171 9.62 13.22 -36.65
CA THR B 171 8.87 14.42 -36.34
C THR B 171 8.29 14.26 -34.94
N PHE B 172 8.06 13.02 -34.55
CA PHE B 172 7.46 12.72 -33.25
C PHE B 172 8.35 13.18 -32.11
N ALA B 173 9.66 13.14 -32.34
CA ALA B 173 10.63 13.44 -31.30
C ALA B 173 10.42 14.82 -30.70
N LEU B 174 10.19 15.81 -31.57
CA LEU B 174 9.91 17.17 -31.14
C LEU B 174 8.65 17.24 -30.27
N TYR B 175 7.63 16.48 -30.68
CA TYR B 175 6.38 16.40 -29.94
C TYR B 175 6.60 15.91 -28.52
N ALA B 176 7.37 14.83 -28.39
CA ALA B 176 7.61 14.22 -27.08
C ALA B 176 8.43 15.11 -26.17
N LEU B 177 9.51 15.66 -26.72
CA LEU B 177 10.39 16.54 -25.96
C LEU B 177 9.64 17.79 -25.50
N THR B 178 8.68 18.21 -26.30
CA THR B 178 7.87 19.37 -26.01
C THR B 178 6.91 19.13 -24.85
N GLU B 179 6.19 18.01 -24.90
CA GLU B 179 5.34 17.62 -23.78
C GLU B 179 6.14 17.51 -22.49
N ALA B 180 7.28 16.81 -22.57
CA ALA B 180 8.05 16.54 -21.37
C ALA B 180 8.63 17.81 -20.78
N GLN B 181 8.95 18.78 -21.63
CA GLN B 181 9.50 20.04 -21.14
C GLN B 181 8.44 20.85 -20.38
N ALA B 182 7.18 20.70 -20.77
CA ALA B 182 6.10 21.41 -20.10
C ALA B 182 5.95 20.93 -18.66
N GLY B 183 6.31 19.68 -18.43
CA GLY B 183 6.20 19.10 -17.11
C GLY B 183 7.44 19.18 -16.23
N ARG B 184 8.57 19.59 -16.81
CA ARG B 184 9.85 19.51 -16.13
C ARG B 184 9.90 20.34 -14.84
N SER B 185 9.26 21.49 -14.86
CA SER B 185 9.30 22.41 -13.73
C SER B 185 8.61 21.86 -12.49
N GLY B 186 7.35 21.47 -12.64
CA GLY B 186 6.59 20.88 -11.55
C GLY B 186 7.30 19.66 -10.96
N ARG B 187 7.87 18.82 -11.83
CA ARG B 187 8.53 17.61 -11.40
C ARG B 187 9.82 17.93 -10.65
N ALA B 188 10.50 18.98 -11.09
CA ALA B 188 11.72 19.43 -10.45
C ALA B 188 11.43 19.92 -9.04
N LYS B 189 10.29 20.61 -8.89
CA LYS B 189 9.85 21.10 -7.60
C LYS B 189 9.46 19.90 -6.74
N ALA B 190 8.83 18.91 -7.36
CA ALA B 190 8.42 17.70 -6.69
C ALA B 190 9.63 16.94 -6.14
N VAL B 191 10.64 16.74 -6.98
CA VAL B 191 11.84 16.01 -6.58
C VAL B 191 12.55 16.70 -5.44
N ALA B 192 12.64 18.03 -5.51
CA ALA B 192 13.28 18.80 -4.45
C ALA B 192 12.48 18.67 -3.17
N ARG B 193 11.16 18.77 -3.28
CA ARG B 193 10.27 18.71 -2.12
C ARG B 193 10.40 17.32 -1.48
N LEU B 194 10.34 16.29 -2.32
CA LEU B 194 10.48 14.92 -1.88
C LEU B 194 11.83 14.65 -1.21
N SER B 195 12.91 15.09 -1.84
CA SER B 195 14.26 14.94 -1.29
C SER B 195 14.37 15.57 0.09
N ASP B 196 13.67 16.69 0.28
CA ASP B 196 13.65 17.37 1.56
C ASP B 196 12.99 16.49 2.63
N LEU B 197 11.84 15.92 2.29
CA LEU B 197 11.11 15.05 3.20
C LEU B 197 11.99 13.86 3.59
N LEU B 198 12.52 13.19 2.57
CA LEU B 198 13.35 12.01 2.76
C LEU B 198 14.58 12.28 3.63
N SER B 199 15.09 13.51 3.60
CA SER B 199 16.30 13.86 4.33
C SER B 199 16.03 14.28 5.76
N THR B 200 14.76 14.41 6.13
CA THR B 200 14.42 14.95 7.45
C THR B 200 13.53 13.99 8.24
N ASP B 201 12.25 13.96 7.90
CA ASP B 201 11.26 13.18 8.63
C ASP B 201 10.46 12.32 7.66
N PRO B 202 11.13 11.37 6.97
CA PRO B 202 10.44 10.64 5.89
C PRO B 202 9.34 9.68 6.40
N LEU B 203 9.60 8.94 7.46
CA LEU B 203 8.60 8.06 8.04
C LEU B 203 7.54 8.83 8.83
N GLY B 204 7.89 10.02 9.29
CA GLY B 204 6.97 10.86 10.03
C GLY B 204 6.07 11.69 9.14
N ARG B 205 6.39 11.72 7.85
CA ARG B 205 5.63 12.51 6.89
C ARG B 205 5.33 11.63 5.68
N LEU B 206 5.08 10.35 5.97
CA LEU B 206 4.83 9.34 4.96
C LEU B 206 3.63 9.71 4.10
N THR B 207 2.60 10.25 4.73
CA THR B 207 1.41 10.61 3.98
C THR B 207 1.76 11.69 2.95
N GLU B 208 2.55 12.68 3.35
CA GLU B 208 2.93 13.73 2.40
C GLU B 208 3.79 13.15 1.28
N VAL B 209 4.72 12.28 1.65
CA VAL B 209 5.55 11.57 0.67
C VAL B 209 4.71 10.84 -0.37
N GLU B 210 3.73 10.06 0.09
CA GLU B 210 2.86 9.32 -0.81
C GLU B 210 2.10 10.24 -1.75
N GLU B 211 1.54 11.32 -1.21
CA GLU B 211 0.71 12.22 -2.00
C GLU B 211 1.51 12.82 -3.13
N LEU B 212 2.71 13.29 -2.80
CA LEU B 212 3.65 13.82 -3.77
C LEU B 212 3.90 12.79 -4.87
N LEU B 213 4.24 11.57 -4.46
CA LEU B 213 4.53 10.49 -5.41
C LEU B 213 3.32 10.16 -6.25
N ARG B 214 2.16 10.11 -5.62
CA ARG B 214 0.93 9.80 -6.34
C ARG B 214 0.58 10.89 -7.36
N ALA B 215 0.78 12.16 -6.99
CA ALA B 215 0.47 13.26 -7.90
C ALA B 215 1.39 13.29 -9.11
N HIS B 216 2.65 12.93 -8.91
CA HIS B 216 3.64 13.08 -9.97
C HIS B 216 4.10 11.76 -10.60
N ALA B 217 3.68 10.63 -10.04
CA ALA B 217 4.09 9.34 -10.61
C ALA B 217 2.90 8.43 -10.91
N PRO B 218 2.18 8.73 -12.00
CA PRO B 218 1.04 7.91 -12.45
C PRO B 218 1.41 6.42 -12.60
N THR B 219 2.56 6.15 -13.20
CA THR B 219 2.97 4.77 -13.43
C THR B 219 4.16 4.41 -12.59
N ALA B 220 4.45 3.11 -12.51
CA ALA B 220 5.64 2.62 -11.83
C ALA B 220 6.91 3.15 -12.46
N ALA B 221 6.91 3.31 -13.78
CA ALA B 221 8.09 3.83 -14.47
C ALA B 221 8.32 5.30 -14.12
N ASP B 222 7.23 6.03 -13.87
CA ASP B 222 7.35 7.41 -13.42
C ASP B 222 7.97 7.45 -12.02
N PHE B 223 7.55 6.52 -11.17
CA PHE B 223 8.07 6.36 -9.83
C PHE B 223 9.59 6.14 -9.92
N ALA B 224 10.03 5.29 -10.83
CA ALA B 224 11.46 5.02 -10.97
C ALA B 224 12.22 6.26 -11.45
N ARG B 225 11.56 7.12 -12.23
CA ARG B 225 12.18 8.34 -12.69
C ARG B 225 12.40 9.31 -11.53
N LEU B 226 11.37 9.47 -10.70
CA LEU B 226 11.48 10.33 -9.52
C LEU B 226 12.51 9.80 -8.53
N PHE B 227 12.50 8.48 -8.31
CA PHE B 227 13.42 7.87 -7.37
C PHE B 227 14.86 8.01 -7.86
N GLU B 228 15.08 7.74 -9.13
CA GLU B 228 16.42 7.84 -9.70
C GLU B 228 16.98 9.24 -9.51
N ALA B 229 16.09 10.23 -9.56
CA ALA B 229 16.47 11.62 -9.38
C ALA B 229 16.78 11.94 -7.91
N CYS B 230 15.91 11.52 -7.00
CA CYS B 230 16.15 11.75 -5.58
C CYS B 230 17.41 11.06 -5.12
N ALA B 231 17.64 9.86 -5.62
CA ALA B 231 18.80 9.06 -5.23
C ALA B 231 20.10 9.80 -5.52
N GLU B 232 20.18 10.48 -6.65
CA GLU B 232 21.38 11.24 -6.97
C GLU B 232 21.58 12.39 -5.99
N ARG B 233 20.48 13.01 -5.57
CA ARG B 233 20.54 14.09 -4.59
C ARG B 233 20.96 13.56 -3.22
N LEU B 234 20.31 12.49 -2.79
CA LEU B 234 20.64 11.89 -1.52
C LEU B 234 22.05 11.32 -1.53
N THR B 235 22.50 10.86 -2.69
CA THR B 235 23.87 10.37 -2.83
C THR B 235 24.85 11.53 -2.63
N ARG B 236 24.56 12.65 -3.27
CA ARG B 236 25.36 13.85 -3.13
C ARG B 236 25.39 14.24 -1.65
N ALA B 237 24.21 14.26 -1.03
CA ALA B 237 24.09 14.67 0.36
C ALA B 237 24.89 13.78 1.31
N LEU B 238 24.88 12.48 1.05
CA LEU B 238 25.60 11.52 1.88
C LEU B 238 27.12 11.67 1.69
N ALA B 239 27.54 11.94 0.46
CA ALA B 239 28.95 12.11 0.17
C ALA B 239 29.48 13.38 0.83
N GLU B 240 28.68 14.44 0.80
CA GLU B 240 29.04 15.71 1.44
C GLU B 240 28.76 15.63 2.96
N ASP B 241 28.36 14.45 3.42
CA ASP B 241 28.06 14.21 4.83
C ASP B 241 27.02 15.18 5.38
N ARG B 242 25.99 15.45 4.57
CA ARG B 242 24.88 16.28 4.98
C ARG B 242 23.80 15.44 5.65
N ILE B 243 23.74 14.16 5.30
CA ILE B 243 22.82 13.23 5.96
C ILE B 243 23.56 11.96 6.34
N SER B 244 23.03 11.22 7.31
CA SER B 244 23.65 10.00 7.79
C SER B 244 23.27 8.82 6.93
N ARG B 245 23.96 7.70 7.10
CA ARG B 245 23.59 6.49 6.38
C ARG B 245 22.28 5.93 6.92
N MET B 246 22.02 6.18 8.19
CA MET B 246 20.77 5.76 8.81
C MET B 246 19.59 6.52 8.21
N GLN B 247 19.81 7.79 7.90
CA GLN B 247 18.78 8.62 7.28
C GLN B 247 18.34 8.03 5.94
N VAL B 248 19.29 7.45 5.23
CA VAL B 248 19.02 6.88 3.91
C VAL B 248 18.20 5.60 4.05
N THR B 249 18.55 4.82 5.07
CA THR B 249 17.79 3.64 5.45
C THR B 249 16.33 4.01 5.69
N LEU B 250 16.11 5.06 6.48
CA LEU B 250 14.74 5.52 6.74
C LEU B 250 14.02 6.02 5.49
N ALA B 251 14.73 6.73 4.62
CA ALA B 251 14.12 7.21 3.38
C ALA B 251 13.81 6.04 2.48
N TYR B 252 14.77 5.13 2.39
CA TYR B 252 14.61 3.92 1.60
C TYR B 252 13.42 3.08 2.09
N SER B 253 13.23 2.99 3.41
CA SER B 253 12.08 2.28 3.96
C SER B 253 10.77 2.98 3.60
N ALA B 254 10.74 4.30 3.79
CA ALA B 254 9.55 5.06 3.46
C ALA B 254 9.16 4.92 1.98
N LEU B 255 10.14 4.86 1.09
CA LEU B 255 9.82 4.74 -0.34
C LEU B 255 9.21 3.40 -0.69
N GLN B 256 9.65 2.36 0.03
CA GLN B 256 9.11 1.03 -0.12
C GLN B 256 7.66 0.97 0.28
N MET B 257 7.36 1.49 1.45
CA MET B 257 5.97 1.51 1.92
C MET B 257 5.08 2.32 0.96
N ALA B 258 5.60 3.44 0.47
CA ALA B 258 4.82 4.27 -0.44
C ALA B 258 4.60 3.58 -1.78
N LEU B 259 5.64 2.93 -2.28
CA LEU B 259 5.52 2.18 -3.52
C LEU B 259 4.43 1.11 -3.43
N ARG B 260 4.46 0.34 -2.36
CA ARG B 260 3.50 -0.75 -2.22
C ARG B 260 2.09 -0.22 -2.06
N ARG B 261 1.94 0.91 -1.37
CA ARG B 261 0.61 1.49 -1.21
C ARG B 261 0.04 1.91 -2.55
N ILE B 262 0.89 2.43 -3.42
CA ILE B 262 0.43 3.04 -4.68
C ILE B 262 0.45 2.08 -5.87
N HIS B 263 1.51 1.31 -6.01
CA HIS B 263 1.65 0.39 -7.15
C HIS B 263 1.82 -1.06 -6.70
N HIS B 264 0.94 -1.92 -7.21
CA HIS B 264 0.94 -3.32 -6.84
C HIS B 264 0.19 -4.13 -7.89
N LEU B 265 0.74 -4.18 -9.10
CA LEU B 265 0.12 -4.88 -10.22
C LEU B 265 0.16 -6.40 -10.04
N PRO B 266 -0.98 -7.07 -10.26
CA PRO B 266 -1.04 -8.53 -10.22
C PRO B 266 -0.20 -9.15 -11.33
N ASP B 267 0.19 -10.41 -11.16
CA ASP B 267 0.90 -11.11 -12.21
C ASP B 267 -0.06 -11.31 -13.38
N PRO B 268 0.35 -10.88 -14.58
CA PRO B 268 -0.53 -11.04 -15.76
C PRO B 268 -0.69 -12.51 -16.16
N GLN B 269 -1.95 -12.98 -16.20
CA GLN B 269 -2.27 -14.35 -16.56
C GLN B 269 -1.73 -14.68 -17.94
N LYS B 270 -2.10 -13.86 -18.92
CA LYS B 270 -1.44 -13.89 -20.23
C LYS B 270 -0.15 -13.09 -20.11
N SER B 271 0.99 -13.76 -20.17
CA SER B 271 2.26 -13.06 -20.10
C SER B 271 3.07 -13.27 -21.38
N VAL B 272 3.89 -12.28 -21.69
CA VAL B 272 4.83 -12.37 -22.81
C VAL B 272 5.78 -13.51 -22.53
N GLY B 273 6.41 -13.45 -21.37
CA GLY B 273 7.32 -14.47 -20.92
C GLY B 273 7.54 -14.29 -19.43
N ALA B 274 8.44 -15.08 -18.86
CA ALA B 274 8.72 -15.00 -17.44
C ALA B 274 10.11 -14.42 -17.21
N VAL B 275 10.22 -13.57 -16.20
CA VAL B 275 11.48 -12.94 -15.86
C VAL B 275 11.73 -13.03 -14.36
N LEU B 276 12.97 -13.31 -14.00
CA LEU B 276 13.38 -13.36 -12.61
C LEU B 276 14.15 -12.07 -12.27
N VAL B 277 13.64 -11.31 -11.32
CA VAL B 277 14.32 -10.10 -10.87
C VAL B 277 15.01 -10.38 -9.56
N ALA B 278 16.33 -10.27 -9.56
CA ALA B 278 17.13 -10.70 -8.42
C ALA B 278 18.09 -9.63 -7.96
N GLY B 279 18.44 -9.69 -6.69
CA GLY B 279 19.49 -8.83 -6.18
C GLY B 279 20.76 -9.63 -6.09
N VAL B 280 21.89 -8.93 -6.01
CA VAL B 280 23.15 -9.58 -5.73
C VAL B 280 23.16 -9.88 -4.23
N PRO B 281 23.47 -11.13 -3.85
CA PRO B 281 23.50 -11.53 -2.45
C PRO B 281 24.38 -10.60 -1.63
N GLY B 282 23.86 -10.09 -0.52
CA GLY B 282 24.59 -9.13 0.29
C GLY B 282 24.06 -7.74 0.01
N HIS B 283 23.80 -7.46 -1.26
CA HIS B 283 23.09 -6.25 -1.62
C HIS B 283 21.63 -6.43 -1.25
N LYS B 284 20.91 -5.32 -1.17
CA LYS B 284 19.57 -5.36 -0.62
C LYS B 284 18.69 -4.44 -1.45
N PRO B 285 18.55 -4.75 -2.75
CA PRO B 285 17.87 -3.81 -3.65
C PRO B 285 16.37 -4.04 -3.62
N ILE B 286 15.77 -3.90 -2.44
CA ILE B 286 14.35 -4.17 -2.26
C ILE B 286 13.46 -3.27 -3.11
N LEU B 287 13.62 -1.96 -2.96
CA LEU B 287 12.85 -0.99 -3.72
C LEU B 287 13.03 -1.17 -5.23
N GLU B 288 14.28 -1.31 -5.66
CA GLU B 288 14.56 -1.34 -7.08
C GLU B 288 14.06 -2.63 -7.73
N ALA B 289 14.16 -3.73 -6.99
CA ALA B 289 13.68 -5.01 -7.48
C ALA B 289 12.17 -4.94 -7.60
N ALA B 290 11.53 -4.42 -6.55
CA ALA B 290 10.10 -4.17 -6.59
C ALA B 290 9.72 -3.25 -7.75
N LEU B 291 10.45 -2.14 -7.94
CA LEU B 291 10.18 -1.23 -9.06
C LEU B 291 10.34 -1.91 -10.42
N ALA B 292 11.37 -2.73 -10.54
CA ALA B 292 11.61 -3.51 -11.76
C ALA B 292 10.42 -4.41 -12.07
N ALA B 293 9.93 -5.10 -11.06
CA ALA B 293 8.80 -6.01 -11.24
C ALA B 293 7.54 -5.28 -11.67
N GLU B 294 7.29 -4.11 -11.08
CA GLU B 294 6.10 -3.35 -11.45
C GLU B 294 6.17 -2.91 -12.90
N MET B 295 7.33 -2.39 -13.28
CA MET B 295 7.51 -1.92 -14.66
C MET B 295 7.31 -3.03 -15.69
N LEU B 296 7.88 -4.20 -15.42
CA LEU B 296 7.77 -5.31 -16.34
C LEU B 296 6.36 -5.92 -16.36
N ARG B 297 5.69 -5.95 -15.20
CA ARG B 297 4.31 -6.42 -15.18
C ARG B 297 3.41 -5.51 -15.99
N ALA B 298 3.68 -4.21 -15.92
CA ALA B 298 2.91 -3.22 -16.65
C ALA B 298 2.97 -3.42 -18.16
N VAL B 299 4.05 -4.03 -18.64
CA VAL B 299 4.21 -4.28 -20.07
C VAL B 299 3.94 -5.75 -20.43
N GLY B 300 3.41 -6.51 -19.47
CA GLY B 300 2.93 -7.84 -19.73
C GLY B 300 3.87 -8.98 -19.42
N TRP B 301 4.89 -8.71 -18.60
CA TRP B 301 5.78 -9.78 -18.17
C TRP B 301 5.28 -10.44 -16.89
N SER B 302 5.44 -11.75 -16.83
CA SER B 302 5.28 -12.49 -15.60
C SER B 302 6.58 -12.36 -14.84
N THR B 303 6.53 -11.87 -13.60
CA THR B 303 7.76 -11.60 -12.86
C THR B 303 7.81 -12.26 -11.49
N SER B 304 9.03 -12.54 -11.04
CA SER B 304 9.28 -13.07 -9.72
C SER B 304 10.48 -12.35 -9.14
N VAL B 305 10.34 -11.85 -7.93
CA VAL B 305 11.45 -11.23 -7.22
C VAL B 305 12.15 -12.27 -6.37
N VAL B 306 13.48 -12.29 -6.41
CA VAL B 306 14.26 -13.16 -5.55
C VAL B 306 15.39 -12.37 -4.92
N HIS B 307 15.55 -12.52 -3.61
CA HIS B 307 16.73 -12.03 -2.92
C HIS B 307 17.56 -13.20 -2.43
N PRO B 308 18.39 -13.77 -3.32
CA PRO B 308 19.10 -15.02 -3.05
C PRO B 308 20.21 -14.81 -2.03
N GLU B 309 20.44 -15.83 -1.21
CA GLU B 309 21.51 -15.78 -0.21
C GLU B 309 22.86 -16.15 -0.83
N SER B 310 22.82 -16.71 -2.03
CA SER B 310 24.04 -17.16 -2.71
C SER B 310 23.83 -17.44 -4.19
N VAL B 311 24.94 -17.58 -4.91
CA VAL B 311 24.93 -17.95 -6.32
C VAL B 311 24.27 -19.30 -6.54
N ALA B 312 24.68 -20.30 -5.78
CA ALA B 312 24.15 -21.65 -5.89
C ALA B 312 22.64 -21.64 -5.71
N ALA B 313 22.17 -20.81 -4.78
CA ALA B 313 20.74 -20.65 -4.54
C ALA B 313 20.01 -20.18 -5.79
N LEU B 314 20.42 -19.02 -6.30
CA LEU B 314 19.80 -18.44 -7.48
C LEU B 314 19.86 -19.40 -8.67
N ALA B 315 21.01 -20.03 -8.85
CA ALA B 315 21.22 -20.95 -9.95
C ALA B 315 20.24 -22.12 -9.89
N ALA B 316 19.96 -22.59 -8.68
CA ALA B 316 18.99 -23.66 -8.50
C ALA B 316 17.62 -23.19 -8.92
N ARG B 317 17.25 -22.00 -8.43
CA ARG B 317 15.98 -21.37 -8.78
C ARG B 317 15.82 -21.27 -10.29
N LEU B 318 16.86 -20.80 -10.98
CA LEU B 318 16.84 -20.68 -12.43
C LEU B 318 16.61 -22.01 -13.14
N LYS B 319 17.35 -23.03 -12.71
CA LYS B 319 17.25 -24.35 -13.29
C LYS B 319 15.86 -24.94 -13.07
N THR B 320 15.27 -24.58 -11.94
CA THR B 320 13.94 -25.05 -11.57
C THR B 320 12.85 -24.40 -12.41
N SER B 321 12.82 -23.07 -12.40
CA SER B 321 11.80 -22.30 -13.11
C SER B 321 11.94 -22.40 -14.62
N ARG B 322 13.13 -22.81 -15.08
CA ARG B 322 13.48 -22.79 -16.49
C ARG B 322 13.30 -21.39 -17.07
N THR B 323 13.46 -20.39 -16.22
CA THR B 323 13.41 -19.01 -16.64
C THR B 323 14.73 -18.67 -17.28
N SER B 324 14.68 -18.25 -18.54
CA SER B 324 15.90 -17.92 -19.28
C SER B 324 16.06 -16.41 -19.41
N THR B 325 15.61 -15.66 -18.41
CA THR B 325 15.73 -14.21 -18.43
C THR B 325 15.88 -13.61 -17.04
N LEU B 326 17.10 -13.24 -16.70
CA LEU B 326 17.38 -12.69 -15.38
C LEU B 326 17.72 -11.19 -15.42
N VAL B 327 17.03 -10.44 -14.58
CA VAL B 327 17.36 -9.03 -14.39
C VAL B 327 17.96 -8.87 -13.00
N VAL B 328 19.16 -8.31 -12.94
CA VAL B 328 19.80 -8.05 -11.67
C VAL B 328 19.52 -6.61 -11.23
N ALA B 329 18.61 -6.46 -10.27
CA ALA B 329 18.22 -5.15 -9.79
C ALA B 329 19.37 -4.49 -9.05
N PRO B 330 19.78 -3.30 -9.51
CA PRO B 330 20.90 -2.57 -8.91
C PRO B 330 20.46 -1.89 -7.63
N SER B 331 21.40 -1.49 -6.79
CA SER B 331 21.06 -0.70 -5.62
C SER B 331 21.59 0.71 -5.78
N LEU B 332 20.69 1.69 -5.72
CA LEU B 332 21.06 3.05 -6.03
C LEU B 332 21.42 3.91 -4.82
N LEU B 333 21.64 3.29 -3.66
CA LEU B 333 21.97 4.07 -2.46
C LEU B 333 23.02 3.39 -1.58
N GLU B 334 23.05 2.06 -1.59
CA GLU B 334 24.01 1.34 -0.75
C GLU B 334 25.22 0.93 -1.59
N GLY B 335 26.25 0.46 -0.91
CA GLY B 335 27.44 -0.07 -1.58
C GLY B 335 28.30 0.90 -2.38
N THR B 336 29.58 0.58 -2.48
CA THR B 336 30.52 1.39 -3.24
C THR B 336 31.11 0.58 -4.39
N GLU B 337 31.73 -0.55 -4.06
CA GLU B 337 32.36 -1.41 -5.06
C GLU B 337 31.32 -2.33 -5.71
N GLN B 338 30.14 -1.80 -5.99
CA GLN B 338 29.02 -2.61 -6.47
C GLN B 338 29.12 -3.01 -7.93
N GLU B 339 29.84 -2.20 -8.72
CA GLU B 339 30.11 -2.55 -10.10
C GLU B 339 30.91 -3.85 -10.15
N ALA B 340 31.97 -3.92 -9.34
CA ALA B 340 32.79 -5.12 -9.24
C ALA B 340 32.00 -6.31 -8.67
N ASP B 341 31.13 -6.03 -7.71
CA ASP B 341 30.31 -7.06 -7.08
C ASP B 341 29.46 -7.76 -8.13
N THR B 342 28.82 -6.96 -8.98
CA THR B 342 27.89 -7.49 -9.96
C THR B 342 28.64 -8.25 -11.05
N LEU B 343 29.81 -7.74 -11.41
CA LEU B 343 30.66 -8.38 -12.42
C LEU B 343 31.08 -9.77 -12.00
N ARG B 344 31.57 -9.88 -10.76
CA ARG B 344 31.96 -11.18 -10.22
C ARG B 344 30.75 -12.10 -10.16
N PHE B 345 29.63 -11.56 -9.68
CA PHE B 345 28.40 -12.33 -9.52
C PHE B 345 27.91 -12.94 -10.84
N VAL B 346 27.80 -12.11 -11.87
CA VAL B 346 27.36 -12.56 -13.18
C VAL B 346 28.30 -13.62 -13.75
N SER B 347 29.60 -13.38 -13.66
CA SER B 347 30.60 -14.33 -14.14
C SER B 347 30.51 -15.65 -13.38
N ALA B 348 30.27 -15.55 -12.07
CA ALA B 348 30.10 -16.73 -11.24
C ALA B 348 28.86 -17.49 -11.68
N LEU B 349 27.78 -16.76 -11.88
CA LEU B 349 26.50 -17.37 -12.24
C LEU B 349 26.59 -18.06 -13.59
N ARG B 350 27.22 -17.39 -14.56
CA ARG B 350 27.38 -17.95 -15.89
C ARG B 350 28.04 -19.32 -15.81
N ALA B 351 29.13 -19.41 -15.06
CA ALA B 351 29.87 -20.65 -14.94
C ALA B 351 29.02 -21.79 -14.36
N ARG B 352 28.34 -21.51 -13.25
CA ARG B 352 27.61 -22.54 -12.51
C ARG B 352 26.33 -22.99 -13.22
N THR B 353 25.74 -22.09 -13.99
CA THR B 353 24.51 -22.40 -14.72
C THR B 353 24.84 -23.07 -16.05
N ASP B 354 23.88 -23.84 -16.57
CA ASP B 354 24.02 -24.43 -17.89
C ASP B 354 22.77 -24.18 -18.73
N LEU B 355 22.31 -22.92 -18.74
CA LEU B 355 21.20 -22.52 -19.59
C LEU B 355 21.75 -21.73 -20.78
N PRO B 356 21.60 -22.30 -21.99
CA PRO B 356 22.27 -21.93 -23.25
C PRO B 356 22.47 -20.44 -23.61
N GLY B 357 21.48 -19.56 -23.53
CA GLY B 357 20.14 -19.83 -23.04
C GLY B 357 19.67 -18.72 -22.12
N LEU B 358 20.29 -18.64 -20.96
CA LEU B 358 19.97 -17.61 -19.98
C LEU B 358 20.42 -16.22 -20.45
N SER B 359 19.53 -15.24 -20.33
CA SER B 359 19.84 -13.87 -20.68
C SER B 359 19.92 -13.02 -19.42
N ILE B 360 21.02 -12.28 -19.26
CA ILE B 360 21.26 -11.51 -18.05
C ILE B 360 21.37 -10.01 -18.32
N LEU B 361 20.57 -9.21 -17.63
CA LEU B 361 20.66 -7.75 -17.74
C LEU B 361 21.12 -7.13 -16.43
N VAL B 362 21.98 -6.13 -16.51
CA VAL B 362 22.45 -5.44 -15.31
C VAL B 362 22.15 -3.94 -15.38
N GLY B 363 22.10 -3.31 -14.22
CA GLY B 363 21.81 -1.88 -14.13
C GLY B 363 22.93 -1.13 -13.45
N GLY B 364 22.60 -0.03 -12.79
CA GLY B 364 23.58 0.77 -12.08
C GLY B 364 24.69 1.33 -12.96
N ARG B 365 25.79 1.71 -12.33
CA ARG B 365 26.92 2.30 -13.05
C ARG B 365 27.58 1.28 -13.97
N LEU B 366 27.35 -0.01 -13.69
CA LEU B 366 27.86 -1.08 -14.53
C LEU B 366 27.30 -0.98 -15.95
N ALA B 367 26.07 -0.49 -16.06
CA ALA B 367 25.41 -0.38 -17.34
C ALA B 367 25.89 0.82 -18.15
N GLN B 368 26.76 1.63 -17.56
CA GLN B 368 27.38 2.74 -18.29
C GLN B 368 28.46 2.19 -19.21
N LEU B 369 28.94 0.99 -18.90
CA LEU B 369 29.94 0.30 -19.71
C LEU B 369 29.38 0.06 -21.11
N PRO B 370 30.27 -0.07 -22.10
CA PRO B 370 29.83 -0.36 -23.47
C PRO B 370 29.22 -1.76 -23.55
N PRO B 371 28.46 -2.05 -24.62
CA PRO B 371 27.94 -3.41 -24.83
C PRO B 371 29.07 -4.43 -24.93
N SER B 372 30.26 -3.95 -25.29
CA SER B 372 31.45 -4.78 -25.35
C SER B 372 31.83 -5.30 -23.97
N LYS B 373 32.12 -4.37 -23.05
CA LYS B 373 32.48 -4.72 -21.68
C LYS B 373 31.44 -5.61 -21.01
N LEU B 374 30.17 -5.38 -21.32
CA LEU B 374 29.09 -6.16 -20.75
C LEU B 374 29.08 -7.59 -21.26
N LYS B 375 29.10 -7.75 -22.59
CA LYS B 375 29.13 -9.06 -23.19
C LYS B 375 30.42 -9.79 -22.78
N ASP B 376 31.50 -9.02 -22.59
CA ASP B 376 32.76 -9.56 -22.10
C ASP B 376 32.60 -10.03 -20.65
N SER B 377 31.63 -9.46 -19.96
CA SER B 377 31.38 -9.82 -18.56
C SER B 377 30.41 -10.99 -18.43
N GLY B 378 29.75 -11.33 -19.54
CA GLY B 378 28.77 -12.40 -19.53
C GLY B 378 27.37 -11.88 -19.32
N ALA B 379 27.21 -10.57 -19.51
CA ALA B 379 25.90 -9.95 -19.47
C ALA B 379 25.41 -9.71 -20.89
N ASP B 380 24.11 -9.86 -21.11
CA ASP B 380 23.53 -9.70 -22.43
C ASP B 380 23.28 -8.23 -22.80
N ALA B 381 22.92 -7.43 -21.81
CA ALA B 381 22.65 -6.00 -22.02
C ALA B 381 22.57 -5.24 -20.69
N GLY B 382 22.72 -3.92 -20.77
CA GLY B 382 22.61 -3.08 -19.59
C GLY B 382 21.46 -2.10 -19.65
N PHE B 383 21.03 -1.62 -18.49
CA PHE B 383 20.08 -0.51 -18.43
C PHE B 383 20.59 0.54 -17.46
N ALA B 384 20.97 1.69 -17.99
CA ALA B 384 21.71 2.70 -17.23
C ALA B 384 20.79 3.52 -16.33
N HIS B 385 19.50 3.26 -16.44
CA HIS B 385 18.50 3.99 -15.68
C HIS B 385 17.36 3.01 -15.48
N LEU B 386 16.73 3.05 -14.32
CA LEU B 386 15.70 2.05 -13.99
C LEU B 386 14.57 2.01 -15.02
N ALA B 387 14.13 3.19 -15.44
CA ALA B 387 13.01 3.29 -16.36
C ALA B 387 13.36 2.81 -17.75
N LEU B 388 14.64 2.60 -18.03
CA LEU B 388 15.06 2.10 -19.33
C LEU B 388 14.95 0.59 -19.41
N LEU B 389 14.64 -0.04 -18.29
CA LEU B 389 14.58 -1.51 -18.20
C LEU B 389 13.66 -2.20 -19.22
N PRO B 390 12.38 -1.76 -19.34
CA PRO B 390 11.52 -2.37 -20.36
C PRO B 390 12.12 -2.43 -21.76
N ALA B 391 12.64 -1.30 -22.26
CA ALA B 391 13.23 -1.26 -23.59
C ALA B 391 14.46 -2.16 -23.69
N ALA B 392 15.24 -2.21 -22.62
CA ALA B 392 16.44 -3.04 -22.57
C ALA B 392 16.07 -4.51 -22.66
N LEU B 393 14.99 -4.88 -21.99
CA LEU B 393 14.51 -6.26 -22.02
C LEU B 393 13.93 -6.59 -23.40
N ALA B 394 13.35 -5.59 -24.05
CA ALA B 394 12.74 -5.77 -25.36
C ALA B 394 13.79 -6.14 -26.41
N ARG B 395 14.98 -5.60 -26.25
CA ARG B 395 16.06 -5.90 -27.18
C ARG B 395 16.50 -7.35 -27.05
N VAL B 396 16.63 -7.81 -25.82
CA VAL B 396 17.07 -9.18 -25.53
C VAL B 396 16.10 -10.21 -26.11
N ALA B 397 14.82 -9.84 -26.18
CA ALA B 397 13.81 -10.68 -26.80
C ALA B 397 14.16 -10.99 -28.25
N1 FMN C . -31.10 8.08 14.53
C2 FMN C . -32.13 7.17 14.41
O2 FMN C . -33.21 7.53 13.95
N3 FMN C . -31.93 5.83 14.68
C4 FMN C . -30.68 5.40 15.07
O4 FMN C . -30.53 4.21 15.37
C4A FMN C . -29.63 6.31 15.19
N5 FMN C . -28.42 5.90 15.69
C5A FMN C . -27.39 6.80 15.86
C6 FMN C . -26.15 6.38 16.34
C7 FMN C . -25.11 7.28 16.49
C7M FMN C . -23.79 6.79 17.03
C8 FMN C . -25.29 8.62 16.17
C8M FMN C . -24.15 9.59 16.30
C9 FMN C . -26.52 9.04 15.67
C9A FMN C . -27.58 8.15 15.53
N10 FMN C . -28.80 8.57 15.03
C10 FMN C . -29.84 7.66 14.90
C1' FMN C . -29.02 10.04 14.82
C2' FMN C . -29.15 10.45 13.34
O2' FMN C . -27.90 10.45 12.68
C3' FMN C . -29.75 11.85 13.25
O3' FMN C . -29.53 12.53 14.45
C4' FMN C . -31.25 11.77 12.98
O4' FMN C . -31.55 10.55 12.36
C5' FMN C . -31.68 12.91 12.06
O5' FMN C . -32.42 13.84 12.82
P FMN C . -34.00 14.08 12.55
O1P FMN C . -34.45 13.25 11.35
O2P FMN C . -34.78 13.68 13.78
O3P FMN C . -34.21 15.55 12.27
CL CL D . -3.63 -20.28 6.55
CL CL E . 12.64 -12.63 -0.63
CL CL F . 2.57 -14.45 -3.82
CL CL G . 5.20 19.79 30.67
CL CL H . -12.44 -2.68 16.68
CL CL I . -14.94 -2.56 31.69
CL CL J . -13.01 -6.85 25.24
CL CL K . -22.19 -8.11 13.55
CL CL L . -25.82 -12.78 18.27
CL CL M . -10.82 -11.84 12.67
N1 FMN N . -14.22 -2.38 -32.61
C2 FMN N . -14.84 -1.30 -33.17
O2 FMN N . -15.94 -1.44 -33.70
N3 FMN N . -14.24 -0.06 -33.14
C4 FMN N . -13.02 0.11 -32.53
O4 FMN N . -12.48 1.21 -32.58
C4A FMN N . -12.40 -0.98 -31.94
N5 FMN N . -11.13 -0.86 -31.38
C5A FMN N . -10.49 -1.95 -30.87
C6 FMN N . -9.20 -1.83 -30.36
C7 FMN N . -8.55 -2.95 -29.84
C7M FMN N . -7.16 -2.81 -29.28
C8 FMN N . -9.19 -4.18 -29.83
C8M FMN N . -8.50 -5.38 -29.28
C9 FMN N . -10.47 -4.31 -30.36
C9A FMN N . -11.11 -3.20 -30.91
N10 FMN N . -12.37 -3.34 -31.44
C10 FMN N . -13.00 -2.24 -31.97
C1' FMN N . -12.92 -4.72 -31.71
C2' FMN N . -14.06 -5.08 -30.78
O2' FMN N . -13.55 -5.44 -29.52
C3' FMN N . -14.83 -6.27 -31.36
O3' FMN N . -13.94 -7.05 -32.12
C4' FMN N . -16.01 -5.86 -32.25
O4' FMN N . -16.62 -4.68 -31.78
C5' FMN N . -17.06 -6.96 -32.30
O5' FMN N . -17.55 -7.10 -33.61
P FMN N . -19.13 -7.04 -33.91
O1P FMN N . -19.80 -8.16 -33.14
O2P FMN N . -19.71 -5.71 -33.46
O3P FMN N . -19.36 -7.22 -35.39
CL CL O . 11.64 9.41 9.89
CL CL P . 2.79 14.02 6.24
CL CL Q . -5.68 11.35 -24.10
CL CL R . 20.67 12.59 8.49
CL CL S . -4.12 16.51 -29.63
CL CL T . 8.48 7.90 -26.74
CL CL U . 11.10 3.50 -33.28
CL CL V . 2.47 12.96 -15.37
#